data_8BPG
#
_entry.id   8BPG
#
_cell.length_a   1.00
_cell.length_b   1.00
_cell.length_c   1.00
_cell.angle_alpha   90.00
_cell.angle_beta   90.00
_cell.angle_gamma   90.00
#
_symmetry.space_group_name_H-M   'P 1'
#
loop_
_entity.id
_entity.type
_entity.pdbx_description
1 polymer 'Fas apoptotic inhibitory molecule 3'
2 polymer 'Immunoglobulin heavy constant mu'
3 branched 2-acetamido-2-deoxy-beta-D-glucopyranose-(1-4)-2-acetamido-2-deoxy-beta-D-glucopyranose
4 non-polymer 2-acetamido-2-deoxy-beta-D-glucopyranose
#
loop_
_entity_poly.entity_id
_entity_poly.type
_entity_poly.pdbx_seq_one_letter_code
_entity_poly.pdbx_strand_id
1 'polypeptide(L)'
;RILPEVKVEGELGGSVTIKCPLPEMHVRIYLCREMAGSGTCGTVVSTTNFIKAEYKGRVTLKQYPRKNLFLVEVTQLTES
DSGVYACGAGMNTDRGKTQKVTLNVHSEYEPSWEEQPMPETPKWFHLPYLFQMPAYASSSKFVTRVTTPAQRGKVPPVHH
SSPTTQITHRPRVSRASSVAGDKPRTFLPSTTASKISALEGLLKPQTPSYNHHTRLHRQRALDYGSQSGREGQG
;
B,A
2 'polypeptide(L)'
;IAELPPKVSVFVPPRDGFFGNPRKSKLICQATGFSPRQIQVSWLREGKQVGSGVTTDQVQAEAKESGPTTYKVTSTLTIK
ESDWLGQSMFTCRVDHRGLTFQQNASSMCVPDQDTAIRVFAIPPSFASIFLTKSTKLTCLVTDLTTYDSVTISWTRQNGE
AVKTHTNISESHPNATFSAVGEASICEDDWNSGERFTCTVTHTDLPSPLKQTISRPKGVALHRPDVYLLPPAREQLNLRE
SATITCLVTGFSPADVFVQWMQRGQPLSPEKYVTSAPMPEPQAPGRYFAHSILTVSEEEWNTGETYTCVVAHEALPNRVT
ERTVDKSTGKPTLYNVSLVMSDTAGTCY
;
D,C,E,F
#
# COMPACT_ATOMS: atom_id res chain seq x y z
N LEU A 3 9.90 -27.82 -28.10
CA LEU A 3 10.27 -29.08 -28.79
C LEU A 3 11.29 -28.80 -29.90
N PRO A 4 11.01 -27.94 -30.91
CA PRO A 4 11.95 -27.73 -32.02
C PRO A 4 13.19 -26.95 -31.55
N GLU A 5 14.34 -27.21 -32.15
CA GLU A 5 15.58 -26.44 -31.80
C GLU A 5 16.14 -25.78 -33.05
N VAL A 6 16.22 -24.45 -33.06
CA VAL A 6 16.80 -23.70 -34.22
C VAL A 6 18.31 -23.94 -34.25
N LYS A 7 18.92 -24.19 -33.08
CA LYS A 7 20.39 -24.35 -33.02
C LYS A 7 21.02 -23.17 -33.77
N VAL A 8 20.42 -21.99 -33.65
CA VAL A 8 20.92 -20.76 -34.35
C VAL A 8 22.41 -20.60 -34.04
N GLU A 9 23.19 -20.12 -35.01
CA GLU A 9 24.64 -19.87 -34.78
C GLU A 9 24.99 -18.44 -35.22
N GLY A 10 26.08 -17.89 -34.70
CA GLY A 10 26.49 -16.54 -35.04
C GLY A 10 27.97 -16.29 -34.84
N GLU A 11 28.36 -15.02 -34.87
CA GLU A 11 29.76 -14.62 -34.71
C GLU A 11 29.87 -13.59 -33.60
N LEU A 12 31.06 -13.49 -33.03
CA LEU A 12 31.31 -12.47 -32.01
C LEU A 12 31.13 -11.08 -32.61
N GLY A 13 30.43 -10.22 -31.89
CA GLY A 13 30.06 -8.94 -32.46
C GLY A 13 28.90 -9.09 -33.43
N GLY A 14 28.62 -8.02 -34.15
CA GLY A 14 27.51 -8.05 -35.09
C GLY A 14 26.19 -8.25 -34.38
N SER A 15 25.33 -9.06 -34.99
CA SER A 15 24.02 -9.34 -34.42
C SER A 15 23.53 -10.69 -34.93
N VAL A 16 22.60 -11.29 -34.18
CA VAL A 16 22.02 -12.61 -34.58
C VAL A 16 20.50 -12.54 -34.32
N THR A 17 19.70 -13.12 -35.23
CA THR A 17 18.22 -13.06 -35.09
C THR A 17 17.70 -14.41 -34.58
N ILE A 18 16.89 -14.39 -33.52
CA ILE A 18 16.30 -15.65 -32.97
C ILE A 18 14.89 -15.80 -33.54
N LYS A 19 14.61 -16.92 -34.22
CA LYS A 19 13.27 -17.15 -34.82
C LYS A 19 12.43 -18.02 -33.88
N CYS A 20 11.27 -17.50 -33.44
CA CYS A 20 10.39 -18.27 -32.52
C CYS A 20 8.94 -18.13 -32.98
N PRO A 21 8.06 -19.14 -32.77
CA PRO A 21 6.68 -19.09 -33.25
C PRO A 21 5.83 -18.09 -32.46
N LEU A 22 4.99 -17.32 -33.16
CA LEU A 22 4.09 -16.35 -32.48
C LEU A 22 2.70 -16.96 -32.35
N PRO A 23 2.27 -17.47 -31.16
CA PRO A 23 0.98 -18.14 -31.03
C PRO A 23 -0.18 -17.14 -30.86
N GLU A 24 -1.42 -17.63 -30.93
CA GLU A 24 -2.61 -16.76 -30.77
C GLU A 24 -3.29 -17.09 -29.44
N MET A 25 -4.15 -16.19 -28.94
CA MET A 25 -4.83 -16.39 -27.63
C MET A 25 -3.78 -16.40 -26.50
N HIS A 26 -2.62 -15.80 -26.72
CA HIS A 26 -1.54 -15.68 -25.68
C HIS A 26 -0.94 -14.30 -25.87
N VAL A 27 -1.14 -13.38 -24.92
CA VAL A 27 -0.67 -11.99 -25.19
C VAL A 27 0.81 -11.85 -24.79
N ARG A 28 1.15 -12.21 -23.56
CA ARG A 28 2.57 -12.13 -23.10
C ARG A 28 3.45 -13.07 -23.94
N ILE A 29 4.43 -12.51 -24.65
CA ILE A 29 5.38 -13.34 -25.44
C ILE A 29 6.79 -13.05 -24.90
N TYR A 30 7.54 -14.09 -24.53
CA TYR A 30 8.86 -13.84 -23.89
C TYR A 30 9.96 -14.71 -24.51
N LEU A 31 11.22 -14.33 -24.32
CA LEU A 31 12.36 -15.16 -24.80
C LEU A 31 13.20 -15.50 -23.56
N CYS A 32 12.65 -16.32 -22.67
CA CYS A 32 13.32 -16.62 -21.37
C CYS A 32 14.70 -17.26 -21.60
N ARG A 33 15.63 -17.07 -20.66
CA ARG A 33 16.96 -17.71 -20.74
C ARG A 33 17.00 -18.87 -19.73
N GLU A 34 17.27 -20.08 -20.20
CA GLU A 34 17.27 -21.27 -19.30
C GLU A 34 18.50 -21.21 -18.40
N MET A 35 18.36 -20.59 -17.21
CA MET A 35 19.49 -20.50 -16.26
C MET A 35 19.92 -21.93 -15.88
N ALA A 36 18.96 -22.83 -15.70
CA ALA A 36 19.26 -24.24 -15.36
C ALA A 36 20.16 -24.31 -14.11
N GLY A 37 19.98 -23.38 -13.18
CA GLY A 37 20.74 -23.42 -11.92
C GLY A 37 19.98 -24.15 -10.84
N SER A 38 18.93 -23.53 -10.29
CA SER A 38 18.07 -24.21 -9.29
C SER A 38 16.71 -24.52 -9.94
N GLY A 39 16.72 -24.87 -11.23
CA GLY A 39 15.47 -25.15 -11.95
C GLY A 39 14.62 -23.88 -12.12
N THR A 40 15.26 -22.76 -12.46
CA THR A 40 14.54 -21.47 -12.62
C THR A 40 14.96 -20.81 -13.93
N CYS A 41 14.01 -20.20 -14.65
CA CYS A 41 14.32 -19.52 -15.93
C CYS A 41 14.03 -18.03 -15.79
N GLY A 42 14.98 -17.16 -16.11
CA GLY A 42 14.79 -15.70 -15.95
C GLY A 42 14.38 -15.03 -17.25
N THR A 43 13.30 -14.24 -17.23
CA THR A 43 12.81 -13.57 -18.46
C THR A 43 13.84 -12.56 -18.96
N VAL A 44 14.31 -12.72 -20.20
CA VAL A 44 15.25 -11.73 -20.80
C VAL A 44 14.44 -10.55 -21.35
N VAL A 45 13.37 -10.85 -22.10
CA VAL A 45 12.50 -9.78 -22.69
C VAL A 45 11.04 -10.24 -22.62
N SER A 46 10.10 -9.30 -22.67
CA SER A 46 8.67 -9.66 -22.67
C SER A 46 7.85 -8.56 -23.35
N THR A 47 6.60 -8.83 -23.68
CA THR A 47 5.73 -7.78 -24.28
C THR A 47 5.29 -6.83 -23.16
N THR A 48 5.40 -7.28 -21.91
CA THR A 48 5.03 -6.43 -20.75
C THR A 48 6.10 -5.36 -20.55
N ASN A 49 7.17 -5.39 -21.35
CA ASN A 49 8.27 -4.39 -21.28
C ASN A 49 9.19 -4.68 -20.09
N PHE A 50 10.06 -5.68 -20.21
CA PHE A 50 11.07 -5.95 -19.16
C PHE A 50 12.33 -6.46 -19.85
N ILE A 51 13.33 -5.58 -20.05
CA ILE A 51 14.62 -6.06 -20.64
C ILE A 51 15.66 -6.17 -19.53
N LYS A 52 16.14 -7.38 -19.26
CA LYS A 52 17.12 -7.61 -18.21
C LYS A 52 18.25 -6.58 -18.29
N ALA A 53 18.82 -6.25 -17.14
CA ALA A 53 19.85 -5.22 -17.08
C ALA A 53 21.06 -5.58 -17.92
N GLU A 54 21.48 -6.85 -17.87
CA GLU A 54 22.64 -7.29 -18.66
C GLU A 54 22.37 -7.18 -20.16
N TYR A 55 21.11 -7.20 -20.58
CA TYR A 55 20.75 -7.10 -21.99
C TYR A 55 20.09 -5.77 -22.33
N LYS A 56 20.20 -4.77 -21.45
CA LYS A 56 19.53 -3.50 -21.69
C LYS A 56 20.17 -2.77 -22.86
N GLY A 57 19.34 -2.31 -23.80
CA GLY A 57 19.82 -1.58 -24.94
C GLY A 57 20.47 -2.40 -26.03
N ARG A 58 20.39 -3.74 -25.94
CA ARG A 58 21.02 -4.61 -26.93
C ARG A 58 20.04 -5.56 -27.61
N VAL A 59 18.80 -5.66 -27.14
CA VAL A 59 17.83 -6.61 -27.66
C VAL A 59 16.52 -5.91 -27.95
N THR A 60 15.74 -6.51 -28.85
CA THR A 60 14.44 -5.97 -29.22
C THR A 60 13.52 -7.12 -29.63
N LEU A 61 12.22 -6.88 -29.54
CA LEU A 61 11.21 -7.89 -29.86
C LEU A 61 10.15 -7.25 -30.74
N LYS A 62 10.01 -7.75 -31.96
CA LYS A 62 9.03 -7.25 -32.92
C LYS A 62 8.09 -8.38 -33.31
N GLN A 63 6.79 -8.12 -33.19
CA GLN A 63 5.76 -9.11 -33.48
C GLN A 63 4.95 -8.66 -34.69
N TYR A 64 4.72 -9.57 -35.62
CA TYR A 64 3.92 -9.30 -36.81
C TYR A 64 3.29 -10.61 -37.26
N PRO A 65 1.97 -10.76 -37.12
CA PRO A 65 1.33 -12.04 -37.46
C PRO A 65 1.19 -12.26 -38.96
N ARG A 66 2.29 -12.13 -39.70
CA ARG A 66 2.27 -12.43 -41.12
C ARG A 66 2.39 -13.93 -41.37
N LYS A 67 3.49 -14.53 -40.92
CA LYS A 67 3.70 -15.96 -40.99
C LYS A 67 3.59 -16.62 -39.62
N ASN A 68 2.88 -15.99 -38.68
CA ASN A 68 2.78 -16.44 -37.30
C ASN A 68 4.17 -16.60 -36.68
N LEU A 69 4.95 -15.53 -36.78
CA LEU A 69 6.32 -15.54 -36.30
C LEU A 69 6.63 -14.19 -35.65
N PHE A 70 7.35 -14.23 -34.53
CA PHE A 70 7.91 -13.04 -33.91
C PHE A 70 9.42 -13.20 -33.85
N LEU A 71 10.15 -12.17 -34.26
CA LEU A 71 11.60 -12.21 -34.35
C LEU A 71 12.23 -11.35 -33.28
N VAL A 72 13.26 -11.88 -32.63
CA VAL A 72 14.00 -11.19 -31.59
C VAL A 72 15.46 -11.10 -32.03
N GLU A 73 16.00 -9.88 -32.01
CA GLU A 73 17.37 -9.63 -32.44
C GLU A 73 18.24 -9.31 -31.24
N VAL A 74 19.44 -9.89 -31.20
CA VAL A 74 20.41 -9.63 -30.15
C VAL A 74 21.61 -8.95 -30.81
N THR A 75 21.83 -7.69 -30.47
CA THR A 75 22.96 -6.94 -31.00
C THR A 75 24.19 -7.15 -30.12
N GLN A 76 25.38 -7.04 -30.73
CA GLN A 76 26.63 -7.31 -29.98
C GLN A 76 26.64 -8.80 -29.58
N LEU A 77 27.73 -9.27 -28.96
CA LEU A 77 27.77 -10.68 -28.49
C LEU A 77 28.86 -10.83 -27.42
N THR A 78 28.62 -11.67 -26.42
CA THR A 78 29.64 -11.93 -25.37
C THR A 78 29.65 -13.42 -25.05
N GLU A 79 30.74 -13.93 -24.48
CA GLU A 79 30.79 -15.36 -24.09
C GLU A 79 29.49 -15.70 -23.33
N SER A 80 29.09 -14.82 -22.40
CA SER A 80 27.84 -15.05 -21.64
C SER A 80 26.71 -15.42 -22.60
N ASP A 81 26.70 -14.80 -23.78
CA ASP A 81 25.64 -15.09 -24.79
C ASP A 81 25.98 -16.39 -25.52
N SER A 82 25.91 -17.53 -24.82
CA SER A 82 26.22 -18.85 -25.44
C SER A 82 25.52 -19.95 -24.64
N GLY A 83 24.19 -19.93 -24.59
CA GLY A 83 23.44 -20.93 -23.81
C GLY A 83 22.08 -21.24 -24.42
N VAL A 84 21.07 -21.50 -23.57
CA VAL A 84 19.72 -21.88 -24.08
C VAL A 84 18.74 -20.73 -23.81
N TYR A 85 17.95 -20.34 -24.82
CA TYR A 85 16.96 -19.24 -24.64
C TYR A 85 15.57 -19.74 -25.05
N ALA A 86 14.96 -20.59 -24.22
CA ALA A 86 13.61 -21.13 -24.51
C ALA A 86 12.60 -19.97 -24.63
N CYS A 87 11.87 -19.91 -25.75
CA CYS A 87 10.85 -18.85 -25.95
C CYS A 87 9.46 -19.44 -25.76
N GLY A 88 8.52 -18.66 -25.21
CA GLY A 88 7.17 -19.17 -24.95
C GLY A 88 6.16 -18.07 -24.68
N ALA A 89 5.03 -18.41 -24.05
CA ALA A 89 3.96 -17.42 -23.76
C ALA A 89 3.30 -17.75 -22.43
N GLY A 90 2.37 -16.90 -21.98
CA GLY A 90 1.64 -17.17 -20.72
C GLY A 90 2.28 -16.48 -19.53
N MET A 91 1.52 -16.30 -18.45
CA MET A 91 2.04 -15.59 -17.24
C MET A 91 3.20 -16.39 -16.61
N ASN A 92 3.02 -17.70 -16.42
CA ASN A 92 4.09 -18.55 -15.83
C ASN A 92 5.19 -18.73 -16.88
N THR A 93 6.40 -18.27 -16.57
CA THR A 93 7.52 -18.33 -17.54
C THR A 93 8.04 -19.77 -17.60
N ASP A 94 8.10 -20.46 -16.46
CA ASP A 94 8.71 -21.82 -16.43
C ASP A 94 7.75 -22.85 -17.05
N ARG A 95 6.46 -22.51 -17.18
CA ARG A 95 5.47 -23.50 -17.69
C ARG A 95 5.14 -23.18 -19.15
N GLY A 96 5.98 -22.42 -19.84
CA GLY A 96 5.77 -22.13 -21.27
C GLY A 96 6.89 -22.73 -22.10
N LYS A 97 7.89 -21.93 -22.47
CA LYS A 97 9.06 -22.47 -23.21
C LYS A 97 8.58 -23.35 -24.37
N THR A 98 7.75 -22.80 -25.26
CA THR A 98 7.19 -23.59 -26.39
C THR A 98 8.33 -24.15 -27.26
N GLN A 99 9.35 -23.33 -27.55
CA GLN A 99 10.47 -23.78 -28.42
C GLN A 99 11.79 -23.58 -27.68
N LYS A 100 12.75 -24.49 -27.87
CA LYS A 100 14.09 -24.36 -27.22
C LYS A 100 15.13 -24.02 -28.30
N VAL A 101 16.14 -23.22 -27.95
CA VAL A 101 17.15 -22.83 -28.93
C VAL A 101 18.49 -22.77 -28.20
N THR A 102 19.58 -22.87 -28.95
CA THR A 102 20.92 -22.81 -28.41
C THR A 102 21.73 -21.73 -29.13
N LEU A 103 22.68 -21.15 -28.40
CA LEU A 103 23.51 -20.08 -28.93
C LEU A 103 24.96 -20.32 -28.52
N ASN A 104 25.88 -19.79 -29.33
CA ASN A 104 27.30 -19.95 -29.08
C ASN A 104 28.03 -18.73 -29.65
N VAL A 105 29.36 -18.81 -29.67
CA VAL A 105 30.20 -17.73 -30.20
C VAL A 105 31.31 -18.36 -31.04
N HIS A 106 31.61 -17.72 -32.17
CA HIS A 106 32.64 -18.18 -33.09
C HIS A 106 33.72 -17.12 -33.18
N SER A 107 34.75 -17.25 -32.35
CA SER A 107 35.86 -16.31 -32.35
C SER A 107 37.11 -16.94 -31.72
N ILE B 117 -13.66 34.91 -13.68
CA ILE B 117 -14.87 34.57 -14.50
C ILE B 117 -14.65 33.23 -15.19
N ARG B 118 -14.91 32.14 -14.45
CA ARG B 118 -14.72 30.78 -15.01
C ARG B 118 -15.94 29.93 -14.71
N VAL B 119 -16.13 28.89 -15.56
CA VAL B 119 -17.22 27.91 -15.32
C VAL B 119 -16.58 26.55 -15.49
N PHE B 120 -16.40 25.84 -14.37
CA PHE B 120 -15.71 24.53 -14.42
C PHE B 120 -16.72 23.40 -14.41
N ALA B 121 -16.53 22.43 -15.31
CA ALA B 121 -17.45 21.29 -15.41
C ALA B 121 -16.83 20.02 -14.85
N ILE B 122 -17.69 19.04 -14.59
CA ILE B 122 -17.20 17.73 -14.07
C ILE B 122 -17.67 16.67 -15.06
N PRO B 123 -16.80 16.18 -15.95
CA PRO B 123 -17.20 15.12 -16.85
C PRO B 123 -17.40 13.81 -16.09
N PRO B 124 -18.27 12.92 -16.57
CA PRO B 124 -18.45 11.64 -15.92
C PRO B 124 -17.15 10.83 -15.90
N SER B 125 -16.88 10.20 -14.77
CA SER B 125 -15.69 9.33 -14.62
C SER B 125 -16.09 7.87 -14.80
N PHE B 126 -15.10 7.03 -15.11
CA PHE B 126 -15.38 5.60 -15.28
C PHE B 126 -15.80 4.99 -13.97
N ALA B 127 -15.24 5.47 -12.87
CA ALA B 127 -15.66 4.97 -11.54
C ALA B 127 -17.13 5.28 -11.30
N SER B 128 -17.54 6.50 -11.59
CA SER B 128 -18.97 6.87 -11.41
C SER B 128 -19.86 6.07 -12.37
N ILE B 129 -19.41 5.89 -13.60
CA ILE B 129 -20.21 5.13 -14.59
C ILE B 129 -20.41 3.71 -14.08
N PHE B 130 -19.35 3.08 -13.61
CA PHE B 130 -19.47 1.68 -13.16
C PHE B 130 -20.18 1.60 -11.81
N LEU B 131 -20.16 2.69 -11.04
CA LEU B 131 -20.84 2.64 -9.72
C LEU B 131 -22.33 2.86 -9.87
N THR B 132 -22.76 3.68 -10.82
CA THR B 132 -24.21 4.05 -10.86
C THR B 132 -24.91 3.59 -12.13
N LYS B 133 -24.17 3.14 -13.13
CA LYS B 133 -24.77 2.71 -14.42
C LYS B 133 -25.55 3.88 -15.02
N SER B 134 -25.02 5.09 -14.87
CA SER B 134 -25.67 6.30 -15.42
C SER B 134 -24.64 7.39 -15.67
N THR B 135 -24.27 7.65 -16.92
CA THR B 135 -23.32 8.76 -17.22
C THR B 135 -24.05 10.08 -17.14
N LYS B 136 -23.46 11.09 -16.50
CA LYS B 136 -24.14 12.39 -16.31
C LYS B 136 -23.20 13.53 -16.68
N LEU B 137 -23.73 14.58 -17.32
CA LEU B 137 -22.92 15.77 -17.67
C LEU B 137 -23.24 16.86 -16.66
N THR B 138 -22.21 17.40 -15.99
CA THR B 138 -22.45 18.41 -14.93
C THR B 138 -21.43 19.54 -15.03
N CYS B 139 -21.88 20.78 -14.83
CA CYS B 139 -20.97 21.94 -14.87
C CYS B 139 -21.33 22.92 -13.76
N LEU B 140 -20.30 23.56 -13.21
CA LEU B 140 -20.51 24.52 -12.10
C LEU B 140 -19.87 25.86 -12.46
N VAL B 141 -20.45 26.91 -11.92
CA VAL B 141 -19.95 28.29 -12.16
C VAL B 141 -19.09 28.69 -10.96
N THR B 142 -18.07 29.50 -11.24
CA THR B 142 -17.22 29.99 -10.15
C THR B 142 -16.77 31.41 -10.47
N ASP B 143 -16.16 32.06 -9.48
CA ASP B 143 -15.63 33.45 -9.65
C ASP B 143 -16.74 34.44 -10.02
N LEU B 144 -17.99 34.12 -9.67
CA LEU B 144 -19.11 35.04 -9.95
C LEU B 144 -19.82 35.36 -8.64
N THR B 145 -20.12 36.64 -8.46
CA THR B 145 -20.83 37.07 -7.24
C THR B 145 -22.23 36.44 -7.22
N THR B 146 -22.70 36.12 -6.01
CA THR B 146 -24.01 35.47 -5.89
C THR B 146 -25.12 36.35 -6.46
N TYR B 147 -25.98 35.75 -7.27
CA TYR B 147 -27.08 36.49 -7.91
C TYR B 147 -28.21 35.50 -8.13
N ASP B 148 -29.16 35.88 -8.99
CA ASP B 148 -30.30 34.99 -9.30
C ASP B 148 -30.62 35.17 -10.79
N SER B 149 -31.75 34.63 -11.23
CA SER B 149 -32.18 34.74 -12.65
C SER B 149 -31.13 34.12 -13.55
N VAL B 150 -30.70 32.90 -13.21
CA VAL B 150 -29.67 32.20 -14.02
C VAL B 150 -30.26 30.88 -14.47
N THR B 151 -30.16 30.61 -15.77
CA THR B 151 -30.66 29.33 -16.31
C THR B 151 -29.50 28.58 -16.96
N ILE B 152 -29.38 27.30 -16.63
CA ILE B 152 -28.29 26.47 -17.19
C ILE B 152 -28.90 25.39 -18.06
N SER B 153 -28.31 25.21 -19.23
CA SER B 153 -28.80 24.17 -20.18
C SER B 153 -27.60 23.45 -20.76
N TRP B 154 -27.84 22.22 -21.18
CA TRP B 154 -26.75 21.40 -21.79
C TRP B 154 -27.02 21.25 -23.29
N THR B 155 -25.97 21.43 -24.10
CA THR B 155 -26.11 21.30 -25.57
C THR B 155 -25.09 20.27 -26.08
N ARG B 156 -25.23 19.84 -27.34
CA ARG B 156 -24.32 18.81 -27.90
C ARG B 156 -23.75 19.30 -29.23
N GLN B 157 -22.78 18.56 -29.78
CA GLN B 157 -22.15 18.96 -31.07
C GLN B 157 -23.21 18.99 -32.17
N ASN B 158 -24.13 18.02 -32.16
CA ASN B 158 -25.19 17.95 -33.20
C ASN B 158 -25.97 19.28 -33.18
N GLY B 159 -26.22 19.83 -32.00
CA GLY B 159 -26.89 21.15 -31.91
C GLY B 159 -28.16 21.12 -31.07
N GLU B 160 -28.84 19.96 -31.02
CA GLU B 160 -30.13 19.89 -30.27
C GLU B 160 -29.84 19.94 -28.77
N ALA B 161 -30.83 20.39 -27.98
CA ALA B 161 -30.65 20.47 -26.51
C ALA B 161 -30.99 19.12 -25.88
N VAL B 162 -30.85 19.01 -24.56
CA VAL B 162 -31.10 17.72 -23.86
C VAL B 162 -32.02 17.97 -22.66
N LYS B 163 -32.18 16.96 -21.83
CA LYS B 163 -33.12 17.05 -20.70
C LYS B 163 -32.76 18.21 -19.78
N THR B 164 -33.75 18.66 -19.04
CA THR B 164 -33.58 19.83 -18.18
C THR B 164 -32.94 19.45 -16.85
N HIS B 165 -32.06 20.32 -16.38
CA HIS B 165 -31.43 20.10 -15.07
C HIS B 165 -32.41 20.28 -13.93
N THR B 166 -32.04 19.76 -12.76
CA THR B 166 -32.86 19.95 -11.55
C THR B 166 -31.91 20.17 -10.38
N ASN B 167 -32.48 20.31 -9.17
CA ASN B 167 -31.68 20.37 -7.93
C ASN B 167 -30.71 21.55 -7.97
N ILE B 168 -31.28 22.75 -7.99
CA ILE B 168 -30.44 23.96 -7.95
C ILE B 168 -29.59 23.95 -6.68
N SER B 169 -28.34 24.32 -6.83
CA SER B 169 -27.41 24.35 -5.69
C SER B 169 -27.59 25.64 -4.90
N GLU B 170 -26.65 25.92 -4.01
CA GLU B 170 -26.74 27.15 -3.20
C GLU B 170 -25.57 28.08 -3.52
N SER B 171 -25.49 29.16 -2.76
CA SER B 171 -24.41 30.15 -2.97
C SER B 171 -23.24 29.86 -2.05
N HIS B 172 -22.05 29.83 -2.62
CA HIS B 172 -20.85 29.62 -1.79
C HIS B 172 -20.66 30.79 -0.85
N PRO B 173 -20.30 30.56 0.43
CA PRO B 173 -20.16 31.65 1.39
C PRO B 173 -18.87 32.47 1.24
N ASN B 174 -18.14 32.28 0.14
CA ASN B 174 -16.89 33.05 -0.08
C ASN B 174 -17.09 34.05 -1.22
N ALA B 175 -18.27 34.68 -1.28
CA ALA B 175 -18.56 35.71 -2.30
C ALA B 175 -18.45 35.11 -3.71
N THR B 176 -18.86 33.85 -3.84
CA THR B 176 -18.87 33.21 -5.18
C THR B 176 -20.19 32.46 -5.36
N PHE B 177 -20.58 32.30 -6.61
CA PHE B 177 -21.84 31.62 -6.93
C PHE B 177 -21.54 30.39 -7.81
N SER B 178 -22.41 29.40 -7.66
CA SER B 178 -22.22 28.15 -8.43
C SER B 178 -23.58 27.59 -8.80
N ALA B 179 -23.71 27.19 -10.06
CA ALA B 179 -24.96 26.58 -10.55
C ALA B 179 -24.62 25.21 -11.12
N VAL B 180 -25.47 24.23 -10.79
CA VAL B 180 -25.20 22.83 -11.21
C VAL B 180 -26.26 22.42 -12.21
N GLY B 181 -25.82 21.73 -13.26
CA GLY B 181 -26.76 21.27 -14.29
C GLY B 181 -26.55 19.82 -14.64
N GLU B 182 -27.59 19.02 -14.46
CA GLU B 182 -27.48 17.57 -14.71
C GLU B 182 -28.12 17.22 -16.05
N ALA B 183 -27.49 16.30 -16.76
CA ALA B 183 -28.02 15.86 -18.06
C ALA B 183 -27.60 14.41 -18.25
N SER B 184 -28.59 13.53 -18.35
CA SER B 184 -28.31 12.09 -18.48
C SER B 184 -28.38 11.72 -19.95
N ILE B 185 -27.28 11.17 -20.46
CA ILE B 185 -27.25 10.76 -21.88
C ILE B 185 -26.57 9.40 -22.01
N CYS B 186 -26.63 8.78 -23.18
CA CYS B 186 -26.03 7.45 -23.41
C CYS B 186 -24.52 7.56 -23.27
N GLU B 187 -23.89 6.58 -22.62
CA GLU B 187 -22.42 6.62 -22.42
C GLU B 187 -21.70 6.44 -23.76
N ASP B 188 -22.38 5.82 -24.73
CA ASP B 188 -21.74 5.55 -26.04
C ASP B 188 -21.29 6.86 -26.68
N ASP B 189 -22.12 7.91 -26.62
CA ASP B 189 -21.77 9.21 -27.24
C ASP B 189 -20.59 9.81 -26.48
N TRP B 190 -20.58 9.69 -25.15
CA TRP B 190 -19.46 10.24 -24.35
C TRP B 190 -18.20 9.51 -24.76
N ASN B 191 -18.26 8.20 -24.92
CA ASN B 191 -17.08 7.41 -25.36
C ASN B 191 -16.75 7.78 -26.81
N SER B 192 -17.77 7.85 -27.65
CA SER B 192 -17.56 8.22 -29.08
C SER B 192 -16.81 9.55 -29.13
N GLY B 193 -17.09 10.45 -28.18
CA GLY B 193 -16.36 11.73 -28.12
C GLY B 193 -17.22 12.92 -28.51
N GLU B 194 -18.54 12.72 -28.55
CA GLU B 194 -19.43 13.86 -28.85
C GLU B 194 -19.02 15.08 -28.02
N ARG B 195 -19.11 16.25 -28.62
CA ARG B 195 -18.76 17.51 -27.92
C ARG B 195 -19.98 18.03 -27.18
N PHE B 196 -19.89 18.12 -25.85
CA PHE B 196 -21.02 18.60 -25.04
C PHE B 196 -20.62 19.90 -24.36
N THR B 197 -21.47 20.91 -24.55
CA THR B 197 -21.20 22.25 -23.97
C THR B 197 -22.41 22.73 -23.21
N CYS B 198 -22.19 23.19 -21.98
CA CYS B 198 -23.30 23.76 -21.17
C CYS B 198 -23.26 25.27 -21.27
N THR B 199 -24.43 25.86 -21.48
CA THR B 199 -24.51 27.33 -21.66
C THR B 199 -25.13 27.96 -20.42
N VAL B 200 -24.42 28.93 -19.84
CA VAL B 200 -24.92 29.63 -18.64
C VAL B 200 -25.04 31.11 -18.97
N THR B 201 -26.16 31.71 -18.56
CA THR B 201 -26.39 33.16 -18.82
C THR B 201 -26.43 33.90 -17.50
N HIS B 202 -25.66 34.99 -17.43
CA HIS B 202 -25.62 35.82 -16.20
C HIS B 202 -25.85 37.28 -16.58
N THR B 203 -25.94 38.12 -15.56
CA THR B 203 -26.22 39.56 -15.80
C THR B 203 -24.95 40.35 -16.12
N ASP B 204 -23.90 40.16 -15.34
CA ASP B 204 -22.67 40.95 -15.56
C ASP B 204 -22.07 40.64 -16.93
N LEU B 205 -22.05 39.37 -17.30
CA LEU B 205 -21.53 39.00 -18.62
C LEU B 205 -22.60 39.30 -19.67
N PRO B 206 -22.26 39.97 -20.79
CA PRO B 206 -23.25 40.22 -21.82
C PRO B 206 -23.49 39.01 -22.72
N SER B 207 -22.45 38.21 -22.96
CA SER B 207 -22.57 37.04 -23.85
C SER B 207 -22.44 35.77 -23.00
N PRO B 208 -23.36 34.81 -23.12
CA PRO B 208 -23.28 33.61 -22.29
C PRO B 208 -21.97 32.85 -22.53
N LEU B 209 -21.45 32.26 -21.46
CA LEU B 209 -20.17 31.53 -21.55
C LEU B 209 -20.40 30.10 -22.06
N LYS B 210 -19.48 29.61 -22.89
CA LYS B 210 -19.60 28.22 -23.42
C LYS B 210 -18.46 27.35 -22.86
N GLN B 211 -18.79 26.16 -22.35
CA GLN B 211 -17.76 25.25 -21.79
C GLN B 211 -17.82 23.89 -22.48
N THR B 212 -16.98 23.66 -23.49
CA THR B 212 -16.96 22.37 -24.23
C THR B 212 -16.33 21.27 -23.37
N ILE B 213 -16.92 20.08 -23.35
CA ILE B 213 -16.40 18.94 -22.55
C ILE B 213 -16.37 17.68 -23.42
N SER B 214 -15.21 17.05 -23.57
CA SER B 214 -15.12 15.81 -24.37
C SER B 214 -14.10 14.85 -23.75
N ARG B 215 -14.25 13.55 -24.01
CA ARG B 215 -13.28 12.55 -23.49
C ARG B 215 -12.03 12.55 -24.38
N PRO B 216 -10.81 12.40 -23.82
CA PRO B 216 -9.60 12.30 -24.65
C PRO B 216 -9.72 11.05 -25.52
N LYS B 217 -9.81 11.23 -26.84
CA LYS B 217 -10.04 10.07 -27.73
C LYS B 217 -8.68 9.52 -28.21
N GLY B 218 -8.22 8.41 -27.64
CA GLY B 218 -6.94 7.81 -28.03
C GLY B 218 -5.98 7.70 -26.85
N VAL B 219 -6.01 6.58 -26.13
CA VAL B 219 -5.09 6.37 -24.96
C VAL B 219 -4.58 4.92 -25.02
N ALA B 220 -3.28 4.71 -24.82
CA ALA B 220 -2.75 3.33 -24.77
C ALA B 220 -3.51 2.58 -23.66
N LEU B 221 -4.03 1.39 -23.97
CA LEU B 221 -4.84 0.64 -22.96
C LEU B 221 -4.04 -0.56 -22.44
N HIS B 222 -3.97 -0.74 -21.13
CA HIS B 222 -3.24 -1.90 -20.54
C HIS B 222 -4.06 -2.42 -19.35
N ARG B 223 -4.34 -3.73 -19.34
CA ARG B 223 -5.17 -4.34 -18.26
C ARG B 223 -4.38 -4.34 -16.94
N PRO B 224 -5.02 -4.00 -15.79
CA PRO B 224 -4.34 -4.01 -14.49
C PRO B 224 -4.05 -5.43 -13.97
N ASP B 225 -2.99 -5.59 -13.17
CA ASP B 225 -2.67 -6.91 -12.56
C ASP B 225 -2.98 -6.81 -11.06
N VAL B 226 -3.74 -7.76 -10.50
CA VAL B 226 -4.16 -7.62 -9.07
C VAL B 226 -3.38 -8.62 -8.20
N TYR B 227 -3.03 -8.21 -6.97
CA TYR B 227 -2.31 -9.10 -6.03
C TYR B 227 -2.85 -8.89 -4.61
N LEU B 228 -3.43 -9.92 -4.00
CA LEU B 228 -3.93 -9.82 -2.60
C LEU B 228 -2.84 -10.30 -1.65
N LEU B 229 -2.71 -9.65 -0.49
CA LEU B 229 -1.64 -10.00 0.48
C LEU B 229 -2.27 -10.31 1.84
N PRO B 230 -1.88 -11.42 2.51
CA PRO B 230 -2.43 -11.78 3.83
C PRO B 230 -1.75 -11.00 4.96
N PRO B 231 -2.43 -10.70 6.08
CA PRO B 231 -1.86 -9.90 7.16
C PRO B 231 -0.57 -10.50 7.71
N ALA B 232 0.30 -9.62 8.20
CA ALA B 232 1.59 -10.03 8.72
C ALA B 232 1.43 -10.82 10.00
N ARG B 233 2.39 -11.72 10.25
CA ARG B 233 2.33 -12.57 11.44
C ARG B 233 2.41 -11.74 12.72
N GLU B 234 3.31 -10.75 12.74
CA GLU B 234 3.45 -9.92 13.93
C GLU B 234 2.21 -9.10 14.22
N GLN B 235 1.38 -8.85 13.21
CA GLN B 235 0.11 -8.16 13.45
C GLN B 235 -0.92 -9.10 14.06
N LEU B 236 -0.92 -10.37 13.66
CA LEU B 236 -1.82 -11.35 14.24
C LEU B 236 -1.21 -11.93 15.50
N ASN B 237 -0.73 -11.07 16.39
CA ASN B 237 -0.29 -11.46 17.72
C ASN B 237 -0.88 -10.58 18.81
N LEU B 238 -1.32 -9.37 18.45
CA LEU B 238 -2.03 -8.51 19.45
C LEU B 238 -3.46 -9.01 19.58
N ARG B 239 -3.88 -9.92 18.67
CA ARG B 239 -5.26 -10.44 18.68
C ARG B 239 -6.28 -9.32 18.69
N GLU B 240 -6.04 -8.30 17.84
CA GLU B 240 -6.96 -7.13 17.81
C GLU B 240 -7.55 -6.94 16.41
N SER B 241 -6.69 -6.86 15.38
CA SER B 241 -7.19 -6.55 14.05
C SER B 241 -6.20 -7.06 13.01
N ALA B 242 -6.57 -6.93 11.74
CA ALA B 242 -5.74 -7.35 10.64
C ALA B 242 -6.06 -6.52 9.41
N THR B 243 -5.04 -6.31 8.58
CA THR B 243 -5.16 -5.47 7.40
C THR B 243 -4.77 -6.28 6.17
N ILE B 244 -5.68 -6.35 5.19
CA ILE B 244 -5.47 -7.10 3.96
C ILE B 244 -5.28 -6.09 2.83
N THR B 245 -4.30 -6.35 1.97
CA THR B 245 -3.91 -5.42 0.91
C THR B 245 -4.26 -5.99 -0.45
N CYS B 246 -4.97 -5.20 -1.26
CA CYS B 246 -5.24 -5.52 -2.65
C CYS B 246 -4.43 -4.53 -3.49
N LEU B 247 -3.53 -5.04 -4.33
CA LEU B 247 -2.49 -4.24 -4.95
C LEU B 247 -2.62 -4.33 -6.47
N VAL B 248 -2.88 -3.20 -7.11
CA VAL B 248 -3.15 -3.11 -8.54
C VAL B 248 -2.00 -2.40 -9.21
N THR B 249 -1.44 -3.00 -10.26
CA THR B 249 -0.28 -2.42 -10.94
C THR B 249 -0.39 -2.63 -12.44
N GLY B 250 0.18 -1.67 -13.19
CA GLY B 250 0.23 -1.81 -14.67
C GLY B 250 -1.10 -1.56 -15.33
N PHE B 251 -1.51 -0.28 -15.42
CA PHE B 251 -2.82 0.05 -16.03
C PHE B 251 -2.82 1.48 -16.57
N SER B 252 -3.27 1.65 -17.82
CA SER B 252 -3.43 2.99 -18.36
C SER B 252 -4.76 3.03 -19.10
N PRO B 253 -5.55 4.11 -18.95
CA PRO B 253 -5.28 5.31 -18.16
C PRO B 253 -5.52 5.15 -16.66
N ALA B 254 -5.73 6.25 -15.95
CA ALA B 254 -5.79 6.27 -14.49
C ALA B 254 -7.22 6.23 -13.98
N ASP B 255 -8.11 5.51 -14.66
CA ASP B 255 -9.50 5.39 -14.24
C ASP B 255 -9.73 3.95 -13.79
N VAL B 256 -9.67 3.71 -12.48
CA VAL B 256 -9.83 2.38 -11.91
C VAL B 256 -10.81 2.45 -10.75
N PHE B 257 -11.53 1.35 -10.53
CA PHE B 257 -12.51 1.25 -9.46
C PHE B 257 -12.29 -0.04 -8.70
N VAL B 258 -12.16 0.06 -7.38
CA VAL B 258 -11.90 -1.08 -6.52
C VAL B 258 -12.94 -1.13 -5.41
N GLN B 259 -13.44 -2.33 -5.12
CA GLN B 259 -14.33 -2.53 -4.00
C GLN B 259 -14.16 -3.95 -3.47
N TRP B 260 -14.55 -4.16 -2.23
CA TRP B 260 -14.34 -5.42 -1.52
C TRP B 260 -15.65 -6.14 -1.32
N MET B 261 -15.64 -7.45 -1.55
CA MET B 261 -16.82 -8.29 -1.38
C MET B 261 -16.53 -9.40 -0.38
N GLN B 262 -17.46 -9.60 0.56
CA GLN B 262 -17.37 -10.69 1.52
C GLN B 262 -18.60 -11.57 1.38
N ARG B 263 -18.37 -12.87 1.13
CA ARG B 263 -19.45 -13.86 1.02
C ARG B 263 -20.49 -13.45 -0.03
N GLY B 264 -20.01 -12.91 -1.15
CA GLY B 264 -20.88 -12.52 -2.23
C GLY B 264 -21.69 -11.25 -2.00
N GLN B 265 -21.52 -10.60 -0.85
CA GLN B 265 -22.23 -9.37 -0.54
C GLN B 265 -21.24 -8.24 -0.31
N PRO B 266 -21.37 -7.12 -1.03
CA PRO B 266 -20.39 -6.04 -0.88
C PRO B 266 -20.40 -5.45 0.52
N LEU B 267 -19.22 -5.05 0.98
CA LEU B 267 -19.06 -4.41 2.27
C LEU B 267 -19.30 -2.91 2.17
N SER B 268 -19.51 -2.28 3.32
CA SER B 268 -19.72 -0.84 3.34
C SER B 268 -18.42 -0.12 3.00
N PRO B 269 -18.47 0.94 2.20
CA PRO B 269 -17.23 1.64 1.81
C PRO B 269 -16.56 2.40 2.93
N GLU B 270 -17.08 2.33 4.16
CA GLU B 270 -16.49 3.02 5.31
C GLU B 270 -15.59 2.11 6.13
N LYS B 271 -15.09 1.02 5.55
CA LYS B 271 -14.14 0.16 6.25
C LYS B 271 -12.97 -0.26 5.36
N TYR B 272 -12.76 0.41 4.23
CA TYR B 272 -11.55 0.22 3.44
C TYR B 272 -11.17 1.53 2.79
N VAL B 273 -9.91 1.65 2.42
CA VAL B 273 -9.33 2.89 1.89
C VAL B 273 -8.64 2.57 0.57
N THR B 274 -8.87 3.41 -0.44
CA THR B 274 -8.24 3.28 -1.73
C THR B 274 -7.48 4.56 -2.07
N SER B 275 -6.33 4.40 -2.72
CA SER B 275 -5.47 5.51 -3.06
C SER B 275 -5.73 6.00 -4.48
N ALA B 276 -5.02 7.03 -4.88
CA ALA B 276 -5.10 7.57 -6.22
C ALA B 276 -3.99 7.00 -7.10
N PRO B 277 -4.22 6.80 -8.42
CA PRO B 277 -3.21 6.17 -9.28
C PRO B 277 -1.89 6.94 -9.26
N MET B 278 -0.84 6.32 -8.73
CA MET B 278 0.50 6.97 -8.69
C MET B 278 1.34 6.40 -9.85
N PRO B 279 2.02 7.22 -10.68
CA PRO B 279 2.74 6.69 -11.85
C PRO B 279 3.81 5.65 -11.46
N GLU B 280 3.97 4.61 -12.29
CA GLU B 280 5.01 3.58 -12.02
C GLU B 280 6.37 4.13 -12.43
N PRO B 281 7.41 4.02 -11.58
CA PRO B 281 8.76 4.47 -11.94
C PRO B 281 9.32 3.68 -13.12
N GLN B 282 9.24 2.34 -13.05
CA GLN B 282 9.82 1.48 -14.12
C GLN B 282 9.16 1.78 -15.47
N ALA B 283 7.87 1.46 -15.60
CA ALA B 283 7.17 1.63 -16.89
C ALA B 283 6.48 3.00 -16.94
N PRO B 284 6.94 3.94 -17.79
CA PRO B 284 6.28 5.25 -17.92
C PRO B 284 4.91 5.11 -18.59
N GLY B 285 3.91 5.85 -18.10
CA GLY B 285 2.54 5.72 -18.65
C GLY B 285 1.69 4.79 -17.80
N ARG B 286 2.30 3.70 -17.29
CA ARG B 286 1.57 2.76 -16.41
C ARG B 286 1.38 3.40 -15.02
N TYR B 287 0.33 3.01 -14.30
CA TYR B 287 0.07 3.57 -12.96
C TYR B 287 -0.10 2.42 -11.96
N PHE B 288 -0.26 2.74 -10.68
CA PHE B 288 -0.51 1.70 -9.65
C PHE B 288 -1.40 2.27 -8.55
N ALA B 289 -2.12 1.40 -7.83
CA ALA B 289 -3.02 1.86 -6.76
C ALA B 289 -3.03 0.81 -5.64
N HIS B 290 -3.50 1.17 -4.45
CA HIS B 290 -3.49 0.24 -3.29
C HIS B 290 -4.80 0.36 -2.52
N SER B 291 -5.37 -0.78 -2.11
CA SER B 291 -6.60 -0.76 -1.28
C SER B 291 -6.38 -1.63 -0.03
N ILE B 292 -6.72 -1.10 1.15
CA ILE B 292 -6.49 -1.86 2.42
C ILE B 292 -7.84 -2.11 3.10
N LEU B 293 -8.10 -3.36 3.50
CA LEU B 293 -9.35 -3.69 4.23
C LEU B 293 -8.99 -4.09 5.66
N THR B 294 -9.54 -3.38 6.65
CA THR B 294 -9.24 -3.69 8.07
C THR B 294 -10.31 -4.64 8.62
N VAL B 295 -9.93 -5.88 8.93
CA VAL B 295 -10.88 -6.88 9.49
C VAL B 295 -10.44 -7.23 10.91
N SER B 296 -11.07 -8.24 11.54
CA SER B 296 -10.66 -8.68 12.89
C SER B 296 -9.79 -9.93 12.79
N GLU B 297 -8.83 -10.08 13.72
CA GLU B 297 -7.98 -11.30 13.74
C GLU B 297 -8.89 -12.51 13.91
N GLU B 298 -9.94 -12.37 14.74
CA GLU B 298 -10.92 -13.47 14.92
C GLU B 298 -11.49 -13.86 13.56
N GLU B 299 -12.23 -12.94 12.92
CA GLU B 299 -12.83 -13.25 11.63
C GLU B 299 -11.83 -13.91 10.68
N TRP B 300 -10.60 -13.39 10.62
CA TRP B 300 -9.64 -13.94 9.63
C TRP B 300 -9.28 -15.38 10.01
N ASN B 301 -9.19 -15.68 11.32
CA ASN B 301 -8.80 -17.04 11.78
C ASN B 301 -10.01 -17.97 11.76
N THR B 302 -11.19 -17.45 11.39
CA THR B 302 -12.40 -18.29 11.28
C THR B 302 -12.79 -18.37 9.79
N GLY B 303 -11.86 -18.82 8.94
CA GLY B 303 -12.13 -18.87 7.49
C GLY B 303 -12.43 -17.49 6.94
N GLU B 304 -13.66 -17.27 6.46
CA GLU B 304 -14.08 -15.94 5.92
C GLU B 304 -13.18 -15.55 4.74
N THR B 305 -13.50 -16.02 3.54
CA THR B 305 -12.71 -15.65 2.34
C THR B 305 -13.04 -14.21 1.93
N TYR B 306 -12.02 -13.42 1.59
CA TYR B 306 -12.24 -11.99 1.22
C TYR B 306 -11.88 -11.80 -0.26
N THR B 307 -12.69 -11.02 -0.98
CA THR B 307 -12.47 -10.84 -2.45
C THR B 307 -12.32 -9.36 -2.81
N CYS B 308 -11.27 -9.01 -3.56
CA CYS B 308 -11.18 -7.60 -4.04
C CYS B 308 -11.46 -7.59 -5.55
N VAL B 309 -12.36 -6.73 -6.01
CA VAL B 309 -12.79 -6.71 -7.40
C VAL B 309 -12.40 -5.38 -8.02
N VAL B 310 -11.80 -5.43 -9.21
CA VAL B 310 -11.23 -4.27 -9.88
C VAL B 310 -11.91 -4.11 -11.23
N ALA B 311 -12.35 -2.89 -11.52
CA ALA B 311 -13.03 -2.59 -12.81
C ALA B 311 -12.21 -1.60 -13.63
N HIS B 312 -11.82 -1.99 -14.85
CA HIS B 312 -11.03 -1.09 -15.73
C HIS B 312 -11.50 -1.28 -17.17
N GLU B 313 -11.36 -0.25 -18.01
CA GLU B 313 -11.86 -0.32 -19.41
C GLU B 313 -11.10 -1.39 -20.20
N ALA B 314 -9.80 -1.56 -19.95
CA ALA B 314 -8.98 -2.51 -20.73
C ALA B 314 -9.33 -3.95 -20.35
N LEU B 315 -10.01 -4.15 -19.23
CA LEU B 315 -10.42 -5.52 -18.80
C LEU B 315 -11.47 -6.06 -19.76
N PRO B 316 -11.55 -7.38 -20.03
CA PRO B 316 -12.49 -7.93 -21.02
C PRO B 316 -13.96 -7.66 -20.67
N ASN B 317 -14.37 -7.95 -19.43
CA ASN B 317 -15.76 -7.68 -18.99
C ASN B 317 -15.76 -6.51 -18.03
N ARG B 318 -14.62 -5.80 -17.92
CA ARG B 318 -14.48 -4.65 -16.99
C ARG B 318 -14.65 -5.13 -15.55
N VAL B 319 -14.35 -6.40 -15.28
CA VAL B 319 -14.48 -6.96 -13.90
C VAL B 319 -13.34 -7.97 -13.68
N THR B 320 -12.77 -8.02 -12.47
CA THR B 320 -11.70 -9.00 -12.14
C THR B 320 -11.76 -9.31 -10.64
N GLU B 321 -11.86 -10.59 -10.26
CA GLU B 321 -11.99 -10.95 -8.87
C GLU B 321 -10.87 -11.88 -8.42
N ARG B 322 -10.38 -11.67 -7.21
CA ARG B 322 -9.42 -12.56 -6.56
C ARG B 322 -9.77 -12.69 -5.08
N THR B 323 -9.48 -13.86 -4.51
CA THR B 323 -9.79 -14.15 -3.12
C THR B 323 -8.56 -14.68 -2.41
N VAL B 324 -8.48 -14.42 -1.10
CA VAL B 324 -7.49 -15.03 -0.23
C VAL B 324 -8.15 -15.41 1.09
N ASP B 325 -7.79 -16.59 1.61
CA ASP B 325 -8.31 -17.00 2.95
C ASP B 325 -7.12 -17.30 3.87
N LYS B 326 -7.38 -17.76 5.09
CA LYS B 326 -6.29 -18.07 6.05
C LYS B 326 -5.40 -19.18 5.47
N SER B 327 -5.99 -20.15 4.78
CA SER B 327 -5.22 -21.28 4.21
C SER B 327 -5.14 -21.14 2.68
N THR B 328 -4.11 -20.46 2.18
CA THR B 328 -3.96 -20.25 0.75
C THR B 328 -2.62 -20.69 0.20
N GLY B 329 -1.54 -20.54 0.94
CA GLY B 329 -0.22 -20.95 0.52
C GLY B 329 0.21 -22.33 0.96
N LYS B 330 -0.73 -23.11 1.49
CA LYS B 330 -0.41 -24.46 2.01
C LYS B 330 -0.16 -25.43 0.86
N PRO B 331 0.69 -26.47 1.01
CA PRO B 331 0.92 -27.47 -0.03
C PRO B 331 -0.36 -28.28 -0.33
N THR B 332 -1.23 -28.46 0.67
CA THR B 332 -2.51 -29.21 0.50
C THR B 332 -2.24 -30.66 0.08
N LEU B 333 -0.98 -31.10 0.10
CA LEU B 333 -0.68 -32.52 -0.22
C LEU B 333 -0.23 -33.24 1.06
N TYR B 334 0.52 -32.55 1.92
CA TYR B 334 0.95 -33.16 3.21
C TYR B 334 0.51 -32.23 4.35
N ASN B 335 0.78 -32.64 5.60
CA ASN B 335 0.34 -31.85 6.76
C ASN B 335 1.24 -32.22 7.93
N VAL B 336 2.23 -31.39 8.20
CA VAL B 336 3.22 -31.65 9.24
C VAL B 336 2.82 -30.89 10.49
N SER B 337 2.84 -31.57 11.64
CA SER B 337 2.43 -30.98 12.91
C SER B 337 3.46 -31.35 13.97
N LEU B 338 4.17 -30.35 14.48
CA LEU B 338 5.13 -30.56 15.56
C LEU B 338 4.41 -30.44 16.90
N VAL B 339 4.35 -31.55 17.64
CA VAL B 339 3.66 -31.61 18.92
C VAL B 339 4.66 -32.06 19.99
N MET B 340 4.63 -31.39 21.13
CA MET B 340 5.51 -31.72 22.24
C MET B 340 4.71 -32.07 23.49
N ILE C 117 -50.55 -12.77 -43.29
CA ILE C 117 -49.76 -11.68 -42.73
C ILE C 117 -49.18 -12.07 -41.37
N ARG C 118 -47.86 -12.18 -41.31
CA ARG C 118 -47.15 -12.55 -40.09
C ARG C 118 -45.86 -11.74 -40.01
N VAL C 119 -45.77 -10.83 -39.06
CA VAL C 119 -44.59 -10.01 -38.83
C VAL C 119 -44.08 -10.28 -37.43
N PHE C 120 -42.80 -10.64 -37.31
CA PHE C 120 -42.20 -11.03 -36.05
C PHE C 120 -41.32 -9.91 -35.51
N ALA C 121 -41.49 -9.59 -34.23
CA ALA C 121 -40.64 -8.64 -33.53
C ALA C 121 -39.87 -9.39 -32.46
N ILE C 122 -38.55 -9.28 -32.48
CA ILE C 122 -37.67 -10.00 -31.56
C ILE C 122 -37.10 -8.99 -30.57
N PRO C 123 -37.54 -8.98 -29.31
CA PRO C 123 -36.92 -8.12 -28.32
C PRO C 123 -35.49 -8.54 -28.08
N PRO C 124 -34.61 -7.60 -27.74
CA PRO C 124 -33.21 -7.96 -27.50
C PRO C 124 -33.07 -8.94 -26.36
N SER C 125 -32.13 -9.86 -26.50
CA SER C 125 -31.82 -10.85 -25.48
C SER C 125 -30.57 -10.44 -24.72
N PHE C 126 -30.54 -10.78 -23.42
CA PHE C 126 -29.39 -10.41 -22.60
C PHE C 126 -28.12 -11.08 -23.10
N ALA C 127 -28.21 -12.31 -23.61
CA ALA C 127 -27.03 -12.98 -24.14
C ALA C 127 -26.45 -12.20 -25.31
N SER C 128 -27.30 -11.78 -26.25
CA SER C 128 -26.83 -10.99 -27.39
C SER C 128 -26.29 -9.64 -26.95
N ILE C 129 -26.96 -9.00 -25.99
CA ILE C 129 -26.51 -7.70 -25.50
C ILE C 129 -25.12 -7.81 -24.90
N PHE C 130 -24.90 -8.82 -24.06
CA PHE C 130 -23.59 -9.00 -23.44
C PHE C 130 -22.55 -9.45 -24.46
N LEU C 131 -22.96 -10.19 -25.49
CA LEU C 131 -22.00 -10.70 -26.46
C LEU C 131 -21.53 -9.60 -27.41
N THR C 132 -22.41 -8.67 -27.80
CA THR C 132 -22.07 -7.70 -28.82
C THR C 132 -21.88 -6.27 -28.31
N LYS C 133 -22.37 -5.95 -27.12
CA LYS C 133 -22.33 -4.61 -26.55
C LYS C 133 -22.97 -3.56 -27.47
N SER C 134 -23.82 -4.02 -28.39
CA SER C 134 -24.41 -3.18 -29.43
C SER C 134 -25.90 -3.48 -29.55
N THR C 135 -26.61 -3.44 -28.41
CA THR C 135 -28.02 -3.82 -28.31
C THR C 135 -28.83 -3.42 -29.54
N LYS C 136 -29.59 -4.37 -30.06
CA LYS C 136 -30.32 -4.21 -31.31
C LYS C 136 -31.65 -4.96 -31.21
N LEU C 137 -32.64 -4.49 -31.96
CA LEU C 137 -33.94 -5.15 -32.04
C LEU C 137 -34.35 -5.24 -33.51
N THR C 138 -35.07 -6.31 -33.84
CA THR C 138 -35.38 -6.67 -35.21
C THR C 138 -36.88 -6.80 -35.40
N CYS C 139 -37.39 -6.19 -36.46
CA CYS C 139 -38.79 -6.33 -36.88
C CYS C 139 -38.78 -7.17 -38.15
N LEU C 140 -39.05 -8.46 -38.02
CA LEU C 140 -38.98 -9.40 -39.14
C LEU C 140 -40.35 -9.51 -39.79
N VAL C 141 -40.41 -9.26 -41.09
CA VAL C 141 -41.65 -9.32 -41.87
C VAL C 141 -41.61 -10.56 -42.73
N THR C 142 -42.59 -11.44 -42.55
CA THR C 142 -42.70 -12.66 -43.34
C THR C 142 -44.12 -12.86 -43.83
N ASP C 143 -44.39 -14.04 -44.41
CA ASP C 143 -45.73 -14.38 -44.90
C ASP C 143 -46.19 -13.43 -46.00
N LEU C 144 -45.24 -12.92 -46.77
CA LEU C 144 -45.53 -12.03 -47.89
C LEU C 144 -44.73 -12.47 -49.11
N THR C 145 -45.14 -11.97 -50.27
CA THR C 145 -44.44 -12.28 -51.51
C THR C 145 -43.16 -11.44 -51.64
N THR C 146 -42.26 -11.90 -52.50
CA THR C 146 -40.97 -11.24 -52.70
C THR C 146 -41.20 -9.96 -53.51
N TYR C 147 -41.53 -8.90 -52.81
CA TYR C 147 -41.78 -7.60 -53.40
C TYR C 147 -40.73 -6.61 -52.91
N ASP C 148 -40.16 -5.82 -53.82
CA ASP C 148 -39.13 -4.87 -53.50
C ASP C 148 -39.74 -3.50 -53.18
N SER C 149 -38.88 -2.53 -52.89
CA SER C 149 -39.29 -1.16 -52.60
C SER C 149 -40.26 -1.12 -51.42
N VAL C 150 -39.92 -1.84 -50.36
CA VAL C 150 -40.73 -1.86 -49.15
C VAL C 150 -40.29 -0.73 -48.23
N THR C 151 -41.17 -0.36 -47.30
CA THR C 151 -40.92 0.71 -46.34
C THR C 151 -41.12 0.15 -44.94
N ILE C 152 -40.04 0.15 -44.15
CA ILE C 152 -40.06 -0.32 -42.78
C ILE C 152 -39.34 0.69 -41.90
N SER C 153 -39.91 0.99 -40.74
CA SER C 153 -39.32 1.97 -39.83
C SER C 153 -39.72 1.63 -38.40
N TRP C 154 -38.86 2.02 -37.47
CA TRP C 154 -39.09 1.85 -36.04
C TRP C 154 -39.40 3.19 -35.41
N THR C 155 -40.39 3.22 -34.53
CA THR C 155 -40.80 4.44 -33.86
C THR C 155 -40.98 4.17 -32.37
N ARG C 156 -40.85 5.23 -31.57
CA ARG C 156 -40.94 5.13 -30.13
C ARG C 156 -42.40 5.21 -29.68
N GLN C 157 -42.61 5.33 -28.37
CA GLN C 157 -43.98 5.45 -27.85
C GLN C 157 -44.63 6.75 -28.29
N ASN C 158 -43.87 7.84 -28.32
CA ASN C 158 -44.41 9.15 -28.66
C ASN C 158 -44.37 9.43 -30.16
N GLY C 159 -43.93 8.49 -30.98
CA GLY C 159 -43.95 8.65 -32.42
C GLY C 159 -42.71 9.28 -33.03
N GLU C 160 -41.58 9.27 -32.34
CA GLU C 160 -40.35 9.83 -32.89
C GLU C 160 -39.78 8.88 -33.94
N ALA C 161 -38.62 9.26 -34.47
CA ALA C 161 -37.93 8.49 -35.50
C ALA C 161 -36.63 7.92 -34.96
N VAL C 162 -36.08 6.96 -35.70
CA VAL C 162 -34.84 6.28 -35.33
C VAL C 162 -33.89 6.34 -36.52
N LYS C 163 -32.74 5.71 -36.37
CA LYS C 163 -31.72 5.70 -37.41
C LYS C 163 -32.17 4.84 -38.59
N THR C 164 -31.36 4.88 -39.65
CA THR C 164 -31.68 4.15 -40.87
C THR C 164 -31.58 2.64 -40.64
N HIS C 165 -32.44 1.89 -41.34
CA HIS C 165 -32.52 0.44 -41.21
C HIS C 165 -31.73 -0.20 -42.35
N THR C 166 -30.41 -0.23 -42.18
CA THR C 166 -29.55 -0.81 -43.20
C THR C 166 -29.53 -2.33 -43.10
N ASN C 167 -28.87 -2.96 -44.08
CA ASN C 167 -28.71 -4.41 -44.12
C ASN C 167 -30.06 -5.13 -44.15
N ILE C 168 -30.83 -4.87 -45.21
CA ILE C 168 -32.12 -5.52 -45.37
C ILE C 168 -31.89 -6.97 -45.80
N SER C 169 -32.60 -7.88 -45.16
CA SER C 169 -32.45 -9.31 -45.45
C SER C 169 -32.89 -9.63 -46.87
N GLU C 170 -32.17 -10.56 -47.49
CA GLU C 170 -32.47 -10.96 -48.85
C GLU C 170 -33.74 -11.82 -48.90
N SER C 171 -34.42 -11.76 -50.04
CA SER C 171 -35.61 -12.57 -50.23
C SER C 171 -35.26 -14.05 -50.32
N HIS C 172 -36.20 -14.90 -49.90
CA HIS C 172 -35.95 -16.34 -49.90
C HIS C 172 -36.51 -16.98 -51.16
N PRO C 173 -35.83 -18.01 -51.68
CA PRO C 173 -36.28 -18.66 -52.93
C PRO C 173 -37.53 -19.52 -52.77
N ASN C 174 -38.06 -19.70 -51.56
CA ASN C 174 -39.23 -20.54 -51.33
C ASN C 174 -40.52 -19.73 -51.27
N ALA C 175 -40.62 -18.67 -52.08
CA ALA C 175 -41.82 -17.84 -52.17
C ALA C 175 -42.16 -17.20 -50.82
N THR C 176 -41.14 -16.73 -50.12
CA THR C 176 -41.32 -16.00 -48.87
C THR C 176 -40.46 -14.75 -48.88
N PHE C 177 -40.93 -13.73 -48.16
CA PHE C 177 -40.26 -12.44 -48.10
C PHE C 177 -39.68 -12.23 -46.71
N SER C 178 -38.48 -11.65 -46.66
CA SER C 178 -37.80 -11.38 -45.40
C SER C 178 -37.32 -9.94 -45.37
N ALA C 179 -37.62 -9.25 -44.28
CA ALA C 179 -37.16 -7.88 -44.07
C ALA C 179 -36.90 -7.68 -42.59
N VAL C 180 -35.88 -6.87 -42.28
CA VAL C 180 -35.47 -6.63 -40.91
C VAL C 180 -35.34 -5.12 -40.69
N GLY C 181 -35.81 -4.65 -39.53
CA GLY C 181 -35.65 -3.26 -39.17
C GLY C 181 -34.88 -3.09 -37.88
N GLU C 182 -33.77 -2.38 -37.93
CA GLU C 182 -32.86 -2.26 -36.80
C GLU C 182 -32.87 -0.83 -36.30
N ALA C 183 -33.05 -0.66 -34.98
CA ALA C 183 -33.09 0.66 -34.35
C ALA C 183 -32.02 0.70 -33.26
N SER C 184 -30.99 1.52 -33.49
CA SER C 184 -29.88 1.64 -32.56
C SER C 184 -30.35 2.48 -31.37
N ILE C 185 -30.37 1.88 -30.19
CA ILE C 185 -30.75 2.55 -28.96
C ILE C 185 -29.75 2.18 -27.87
N CYS C 186 -29.96 2.75 -26.69
CA CYS C 186 -29.14 2.47 -25.52
C CYS C 186 -29.98 1.83 -24.43
N GLU C 187 -29.31 1.01 -23.60
CA GLU C 187 -30.00 0.00 -22.81
C GLU C 187 -30.96 0.61 -21.78
N ASP C 188 -30.63 1.79 -21.24
CA ASP C 188 -31.48 2.37 -20.20
C ASP C 188 -32.86 2.70 -20.73
N ASP C 189 -32.94 3.18 -21.97
CA ASP C 189 -34.23 3.48 -22.58
C ASP C 189 -35.08 2.22 -22.71
N TRP C 190 -34.47 1.13 -23.17
CA TRP C 190 -35.20 -0.12 -23.33
C TRP C 190 -35.66 -0.69 -21.99
N ASN C 191 -34.79 -0.62 -20.98
CA ASN C 191 -35.07 -1.25 -19.69
C ASN C 191 -35.77 -0.32 -18.72
N SER C 192 -36.08 0.92 -19.11
CA SER C 192 -36.77 1.85 -18.24
C SER C 192 -38.28 1.71 -18.31
N GLY C 193 -38.80 0.79 -19.14
CA GLY C 193 -40.22 0.62 -19.31
C GLY C 193 -40.80 1.25 -20.55
N GLU C 194 -39.99 1.97 -21.33
CA GLU C 194 -40.47 2.58 -22.57
C GLU C 194 -40.79 1.50 -23.59
N ARG C 195 -41.87 1.71 -24.34
CA ARG C 195 -42.38 0.73 -25.29
C ARG C 195 -42.10 1.18 -26.71
N PHE C 196 -41.73 0.22 -27.56
CA PHE C 196 -41.40 0.48 -28.95
C PHE C 196 -42.54 0.06 -29.86
N THR C 197 -42.56 0.65 -31.07
CA THR C 197 -43.58 0.35 -32.07
C THR C 197 -42.92 0.22 -33.43
N CYS C 198 -43.27 -0.84 -34.16
CA CYS C 198 -42.76 -1.09 -35.49
C CYS C 198 -43.80 -0.70 -36.53
N THR C 199 -43.33 -0.04 -37.60
CA THR C 199 -44.21 0.40 -38.68
C THR C 199 -43.86 -0.38 -39.95
N VAL C 200 -44.87 -1.03 -40.52
CA VAL C 200 -44.70 -1.84 -41.73
C VAL C 200 -45.77 -1.42 -42.73
N THR C 201 -45.34 -1.09 -43.95
CA THR C 201 -46.25 -0.73 -45.04
C THR C 201 -45.89 -1.55 -46.27
N HIS C 202 -46.92 -2.03 -46.97
CA HIS C 202 -46.72 -2.85 -48.15
C HIS C 202 -47.89 -2.66 -49.11
N THR C 203 -47.65 -2.99 -50.37
CA THR C 203 -48.71 -2.91 -51.36
C THR C 203 -49.80 -3.94 -51.10
N ASP C 204 -49.41 -5.16 -50.70
CA ASP C 204 -50.40 -6.19 -50.41
C ASP C 204 -51.24 -5.83 -49.20
N LEU C 205 -50.61 -5.22 -48.18
CA LEU C 205 -51.28 -4.82 -46.94
C LEU C 205 -51.06 -3.33 -46.74
N PRO C 206 -51.83 -2.47 -47.44
CA PRO C 206 -51.64 -1.02 -47.28
C PRO C 206 -51.95 -0.52 -45.87
N SER C 207 -52.74 -1.26 -45.10
CA SER C 207 -53.05 -0.84 -43.74
C SER C 207 -51.79 -0.89 -42.88
N PRO C 208 -51.50 0.16 -42.11
CA PRO C 208 -50.29 0.14 -41.27
C PRO C 208 -50.35 -0.96 -40.23
N LEU C 209 -49.19 -1.52 -39.91
CA LEU C 209 -49.05 -2.58 -38.93
C LEU C 209 -48.24 -2.06 -37.74
N LYS C 210 -48.70 -2.37 -36.54
CA LYS C 210 -48.05 -1.93 -35.31
C LYS C 210 -47.80 -3.12 -34.40
N GLN C 211 -46.63 -3.16 -33.78
CA GLN C 211 -46.26 -4.19 -32.83
C GLN C 211 -45.57 -3.58 -31.64
N THR C 212 -45.87 -4.10 -30.45
CA THR C 212 -45.34 -3.58 -29.19
C THR C 212 -44.54 -4.67 -28.50
N ILE C 213 -43.30 -4.35 -28.14
CA ILE C 213 -42.41 -5.26 -27.42
C ILE C 213 -41.68 -4.47 -26.35
N SER C 214 -41.54 -5.08 -25.17
CA SER C 214 -40.85 -4.45 -24.05
C SER C 214 -40.47 -5.53 -23.05
N ARG C 215 -39.91 -5.09 -21.92
CA ARG C 215 -39.53 -6.02 -20.87
C ARG C 215 -40.78 -6.57 -20.18
N PRO C 216 -40.83 -7.88 -19.92
CA PRO C 216 -41.98 -8.45 -19.17
C PRO C 216 -41.86 -8.22 -17.66
N LYS C 217 -42.30 -7.03 -17.23
CA LYS C 217 -42.24 -6.67 -15.83
C LYS C 217 -43.15 -7.56 -14.99
N GLY C 218 -42.73 -7.82 -13.75
CA GLY C 218 -43.53 -8.59 -12.83
C GLY C 218 -42.98 -9.98 -12.58
N VAL C 219 -41.66 -10.11 -12.53
CA VAL C 219 -41.00 -11.39 -12.28
C VAL C 219 -39.93 -11.20 -11.22
N ALA C 220 -39.81 -12.17 -10.32
CA ALA C 220 -38.79 -12.14 -9.29
C ALA C 220 -37.42 -12.44 -9.90
N LEU C 221 -36.38 -11.95 -9.23
CA LEU C 221 -35.00 -12.10 -9.68
C LEU C 221 -34.20 -12.86 -8.64
N HIS C 222 -33.46 -13.88 -9.09
CA HIS C 222 -32.59 -14.65 -8.22
C HIS C 222 -31.26 -14.88 -8.92
N ARG C 223 -30.21 -15.06 -8.13
CA ARG C 223 -28.84 -15.22 -8.61
C ARG C 223 -28.49 -16.69 -8.78
N PRO C 224 -27.83 -17.05 -9.88
CA PRO C 224 -27.46 -18.45 -10.09
C PRO C 224 -26.32 -18.88 -9.17
N ASP C 225 -26.17 -20.20 -9.06
CA ASP C 225 -25.06 -20.83 -8.36
C ASP C 225 -24.27 -21.66 -9.35
N VAL C 226 -22.96 -21.47 -9.39
CA VAL C 226 -22.10 -22.08 -10.40
C VAL C 226 -21.22 -23.13 -9.74
N TYR C 227 -21.25 -24.35 -10.30
CA TYR C 227 -20.41 -25.45 -9.84
C TYR C 227 -19.66 -26.02 -11.04
N LEU C 228 -18.35 -26.06 -10.94
CA LEU C 228 -17.48 -26.52 -12.02
C LEU C 228 -16.91 -27.89 -11.63
N LEU C 229 -17.04 -28.87 -12.53
CA LEU C 229 -16.69 -30.24 -12.22
C LEU C 229 -15.54 -30.73 -13.09
N PRO C 230 -14.61 -31.49 -12.53
CA PRO C 230 -13.48 -32.00 -13.33
C PRO C 230 -13.88 -33.22 -14.13
N PRO C 231 -13.09 -33.63 -15.15
CA PRO C 231 -13.40 -34.82 -15.97
C PRO C 231 -13.39 -36.12 -15.15
N ALA C 232 -14.09 -37.15 -15.64
CA ALA C 232 -14.15 -38.44 -14.92
C ALA C 232 -12.81 -39.16 -15.04
N ARG C 233 -12.40 -39.88 -13.99
CA ARG C 233 -11.11 -40.60 -14.00
C ARG C 233 -11.10 -41.63 -15.13
N GLU C 234 -12.21 -42.32 -15.34
CA GLU C 234 -12.30 -43.35 -16.40
C GLU C 234 -12.08 -42.68 -17.77
N GLN C 235 -12.64 -41.48 -17.97
CA GLN C 235 -12.45 -40.74 -19.24
C GLN C 235 -10.97 -40.40 -19.39
N LEU C 236 -10.31 -40.02 -18.29
CA LEU C 236 -8.87 -39.68 -18.32
C LEU C 236 -8.06 -40.93 -18.65
N ASN C 237 -8.45 -42.09 -18.11
CA ASN C 237 -7.66 -43.33 -18.34
C ASN C 237 -7.55 -43.60 -19.85
N LEU C 238 -8.59 -43.31 -20.62
CA LEU C 238 -8.53 -43.52 -22.10
C LEU C 238 -7.34 -42.75 -22.66
N ARG C 239 -6.80 -41.81 -21.87
CA ARG C 239 -5.65 -40.97 -22.33
C ARG C 239 -5.95 -40.41 -23.74
N GLU C 240 -7.18 -39.94 -23.96
CA GLU C 240 -7.56 -39.35 -25.27
C GLU C 240 -8.07 -37.93 -25.05
N SER C 241 -9.35 -37.77 -24.69
CA SER C 241 -9.94 -36.41 -24.54
C SER C 241 -10.54 -36.24 -23.14
N ALA C 242 -10.78 -34.99 -22.72
CA ALA C 242 -11.39 -34.72 -21.39
C ALA C 242 -12.47 -33.65 -21.54
N THR C 243 -13.52 -33.70 -20.71
CA THR C 243 -14.62 -32.72 -20.82
C THR C 243 -14.87 -32.05 -19.46
N ILE C 244 -14.75 -30.73 -19.40
CA ILE C 244 -15.04 -29.98 -18.13
C ILE C 244 -16.52 -29.58 -18.18
N THR C 245 -17.24 -29.74 -17.06
CA THR C 245 -18.69 -29.45 -17.06
C THR C 245 -19.01 -28.28 -16.13
N CYS C 246 -19.81 -27.33 -16.61
CA CYS C 246 -20.22 -26.17 -15.82
C CYS C 246 -21.72 -26.28 -15.58
N LEU C 247 -22.13 -26.27 -14.32
CA LEU C 247 -23.53 -26.45 -13.95
C LEU C 247 -24.02 -25.16 -13.30
N VAL C 248 -24.90 -24.45 -14.01
CA VAL C 248 -25.51 -23.21 -13.52
C VAL C 248 -26.94 -23.53 -13.13
N THR C 249 -27.28 -23.32 -11.87
CA THR C 249 -28.57 -23.74 -11.34
C THR C 249 -29.19 -22.64 -10.48
N GLY C 250 -30.51 -22.62 -10.44
CA GLY C 250 -31.24 -21.79 -9.52
C GLY C 250 -31.46 -20.36 -9.95
N PHE C 251 -31.26 -20.02 -11.21
CA PHE C 251 -31.41 -18.65 -11.68
C PHE C 251 -32.79 -18.43 -12.28
N SER C 252 -33.34 -17.25 -12.00
CA SER C 252 -34.59 -16.80 -12.60
C SER C 252 -34.45 -15.31 -12.90
N PRO C 253 -34.85 -14.86 -14.10
CA PRO C 253 -35.47 -15.63 -15.19
C PRO C 253 -34.46 -16.37 -16.06
N ALA C 254 -34.90 -16.78 -17.25
CA ALA C 254 -34.03 -17.61 -18.11
C ALA C 254 -33.31 -16.74 -19.15
N ASP C 255 -32.24 -16.06 -18.74
CA ASP C 255 -31.43 -15.24 -19.70
C ASP C 255 -29.97 -15.26 -19.24
N VAL C 256 -29.33 -16.43 -19.30
CA VAL C 256 -27.92 -16.57 -18.81
C VAL C 256 -26.97 -16.66 -20.01
N PHE C 257 -25.83 -15.97 -19.94
CA PHE C 257 -24.81 -16.05 -21.01
C PHE C 257 -23.55 -16.72 -20.45
N VAL C 258 -23.20 -17.90 -20.96
CA VAL C 258 -22.01 -18.65 -20.44
C VAL C 258 -20.87 -18.54 -21.46
N GLN C 259 -19.65 -18.31 -20.98
CA GLN C 259 -18.47 -18.24 -21.89
C GLN C 259 -17.28 -18.92 -21.21
N TRP C 260 -16.33 -19.44 -22.00
CA TRP C 260 -15.11 -20.09 -21.43
C TRP C 260 -13.87 -19.28 -21.82
N MET C 261 -13.02 -18.95 -20.84
CA MET C 261 -11.76 -18.21 -21.12
C MET C 261 -10.58 -19.01 -20.55
N GLN C 262 -9.63 -19.40 -21.40
CA GLN C 262 -8.50 -20.24 -20.94
C GLN C 262 -7.50 -19.37 -20.17
N ARG C 263 -6.89 -18.39 -20.83
CA ARG C 263 -5.87 -17.53 -20.18
C ARG C 263 -6.24 -16.05 -20.39
N GLY C 264 -7.53 -15.71 -20.21
CA GLY C 264 -7.99 -14.33 -20.44
C GLY C 264 -8.44 -14.14 -21.88
N GLN C 265 -8.20 -15.15 -22.73
CA GLN C 265 -8.63 -15.07 -24.15
C GLN C 265 -9.73 -16.12 -24.38
N PRO C 266 -10.96 -15.72 -24.77
CA PRO C 266 -12.07 -16.67 -24.94
C PRO C 266 -11.75 -17.74 -25.99
N LEU C 267 -12.09 -19.00 -25.68
CA LEU C 267 -11.86 -20.11 -26.64
C LEU C 267 -12.87 -19.99 -27.78
N SER C 268 -12.58 -20.62 -28.93
CA SER C 268 -13.49 -20.54 -30.09
C SER C 268 -14.90 -20.95 -29.67
N PRO C 269 -15.96 -20.20 -30.04
CA PRO C 269 -17.33 -20.50 -29.60
C PRO C 269 -17.80 -21.88 -30.09
N GLU C 270 -17.08 -22.48 -31.05
CA GLU C 270 -17.49 -23.79 -31.61
C GLU C 270 -16.86 -24.93 -30.80
N LYS C 271 -16.14 -24.60 -29.73
CA LYS C 271 -15.45 -25.65 -28.93
C LYS C 271 -16.37 -26.17 -27.82
N TYR C 272 -17.33 -25.36 -27.35
CA TYR C 272 -18.17 -25.78 -26.25
C TYR C 272 -19.64 -25.73 -26.67
N VAL C 273 -20.48 -26.40 -25.89
CA VAL C 273 -21.92 -26.49 -26.14
C VAL C 273 -22.65 -26.10 -24.88
N THR C 274 -23.64 -25.23 -25.00
CA THR C 274 -24.44 -24.77 -23.87
C THR C 274 -25.89 -25.17 -24.07
N SER C 275 -26.55 -25.49 -22.97
CA SER C 275 -27.93 -25.97 -22.98
C SER C 275 -28.92 -24.86 -22.67
N ALA C 276 -30.11 -24.98 -23.25
CA ALA C 276 -31.17 -24.03 -22.97
C ALA C 276 -31.66 -24.19 -21.54
N PRO C 277 -32.11 -23.10 -20.90
CA PRO C 277 -32.50 -23.20 -19.49
C PRO C 277 -33.77 -24.00 -19.28
N MET C 278 -33.63 -25.22 -18.76
CA MET C 278 -34.82 -26.02 -18.48
C MET C 278 -35.29 -25.77 -17.05
N PRO C 279 -36.62 -25.72 -16.77
CA PRO C 279 -37.10 -25.41 -15.42
C PRO C 279 -36.52 -26.37 -14.37
N GLU C 280 -36.14 -25.85 -13.21
CA GLU C 280 -35.63 -26.71 -12.11
C GLU C 280 -36.74 -27.66 -11.69
N PRO C 281 -36.46 -28.98 -11.55
CA PRO C 281 -37.52 -29.96 -11.23
C PRO C 281 -38.24 -29.71 -9.90
N GLN C 282 -37.52 -29.32 -8.85
CA GLN C 282 -38.15 -29.16 -7.51
C GLN C 282 -38.46 -27.68 -7.24
N ALA C 283 -37.74 -26.75 -7.87
CA ALA C 283 -37.93 -25.32 -7.58
C ALA C 283 -38.73 -24.66 -8.70
N PRO C 284 -40.00 -24.26 -8.47
CA PRO C 284 -40.84 -23.63 -9.50
C PRO C 284 -40.40 -22.19 -9.79
N GLY C 285 -40.28 -21.84 -11.07
CA GLY C 285 -39.88 -20.47 -11.45
C GLY C 285 -38.38 -20.34 -11.66
N ARG C 286 -37.59 -21.16 -10.98
CA ARG C 286 -36.12 -21.12 -11.12
C ARG C 286 -35.69 -22.09 -12.23
N TYR C 287 -34.51 -21.88 -12.82
CA TYR C 287 -34.06 -22.72 -13.95
C TYR C 287 -32.63 -23.20 -13.75
N PHE C 288 -32.14 -24.06 -14.65
CA PHE C 288 -30.77 -24.54 -14.61
C PHE C 288 -30.29 -24.76 -16.04
N ALA C 289 -28.97 -24.77 -16.20
CA ALA C 289 -28.36 -24.93 -17.52
C ALA C 289 -27.02 -25.62 -17.37
N HIS C 290 -26.51 -26.12 -18.50
CA HIS C 290 -25.26 -26.86 -18.55
C HIS C 290 -24.34 -26.25 -19.59
N SER C 291 -23.07 -26.66 -19.56
CA SER C 291 -22.08 -26.18 -20.56
C SER C 291 -20.89 -27.13 -20.55
N ILE C 292 -20.52 -27.69 -21.72
CA ILE C 292 -19.43 -28.72 -21.75
C ILE C 292 -18.31 -28.27 -22.68
N LEU C 293 -17.10 -28.13 -22.15
CA LEU C 293 -15.93 -27.77 -23.00
C LEU C 293 -15.04 -29.02 -23.14
N THR C 294 -14.86 -29.50 -24.37
CA THR C 294 -14.02 -30.69 -24.60
C THR C 294 -12.58 -30.26 -24.90
N VAL C 295 -11.63 -30.62 -24.04
CA VAL C 295 -10.21 -30.24 -24.24
C VAL C 295 -9.37 -31.50 -24.40
N SER C 296 -8.16 -31.38 -24.96
CA SER C 296 -7.26 -32.55 -25.08
C SER C 296 -6.70 -32.90 -23.70
N GLU C 297 -6.58 -34.19 -23.39
CA GLU C 297 -6.11 -34.62 -22.04
C GLU C 297 -4.71 -34.08 -21.80
N GLU C 298 -3.83 -34.14 -22.81
CA GLU C 298 -2.43 -33.67 -22.65
C GLU C 298 -2.44 -32.26 -22.06
N GLU C 299 -3.24 -31.35 -22.64
CA GLU C 299 -3.30 -29.96 -22.13
C GLU C 299 -3.75 -29.95 -20.68
N TRP C 300 -4.80 -30.71 -20.36
CA TRP C 300 -5.34 -30.69 -18.96
C TRP C 300 -4.27 -31.19 -17.99
N ASN C 301 -3.43 -32.14 -18.42
CA ASN C 301 -2.44 -32.75 -17.47
C ASN C 301 -1.24 -31.82 -17.27
N THR C 302 -1.11 -30.77 -18.08
CA THR C 302 0.07 -29.87 -17.98
C THR C 302 -0.26 -28.68 -17.07
N GLY C 303 -1.41 -28.72 -16.40
CA GLY C 303 -1.76 -27.65 -15.44
C GLY C 303 -2.54 -26.51 -16.09
N GLU C 304 -2.90 -26.66 -17.37
CA GLU C 304 -3.73 -25.63 -18.06
C GLU C 304 -4.93 -25.31 -17.18
N THR C 305 -5.21 -24.01 -16.97
CA THR C 305 -6.34 -23.61 -16.10
C THR C 305 -7.54 -23.16 -16.96
N TYR C 306 -8.74 -23.60 -16.61
CA TYR C 306 -9.94 -23.22 -17.34
C TYR C 306 -10.94 -22.61 -16.38
N THR C 307 -11.69 -21.62 -16.85
CA THR C 307 -12.69 -20.97 -16.02
C THR C 307 -13.99 -20.79 -16.80
N CYS C 308 -15.08 -20.69 -16.06
CA CYS C 308 -16.44 -20.65 -16.60
C CYS C 308 -17.08 -19.35 -16.14
N VAL C 309 -16.99 -18.32 -16.98
CA VAL C 309 -17.58 -17.02 -16.68
C VAL C 309 -19.03 -17.01 -17.16
N VAL C 310 -19.94 -16.63 -16.27
CA VAL C 310 -21.37 -16.66 -16.53
C VAL C 310 -21.94 -15.27 -16.24
N ALA C 311 -22.78 -14.78 -17.15
CA ALA C 311 -23.35 -13.44 -17.06
C ALA C 311 -24.85 -13.53 -16.88
N HIS C 312 -25.36 -12.92 -15.81
CA HIS C 312 -26.79 -12.88 -15.54
C HIS C 312 -27.14 -11.49 -15.04
N GLU C 313 -28.38 -11.06 -15.30
CA GLU C 313 -28.80 -9.68 -14.93
C GLU C 313 -29.30 -9.63 -13.49
N ALA C 314 -28.83 -10.56 -12.64
CA ALA C 314 -29.21 -10.54 -11.21
C ALA C 314 -27.93 -10.61 -10.36
N LEU C 315 -26.79 -10.88 -11.00
CA LEU C 315 -25.49 -10.92 -10.27
C LEU C 315 -25.11 -9.49 -9.87
N PRO C 316 -24.36 -9.28 -8.77
CA PRO C 316 -24.04 -7.92 -8.29
C PRO C 316 -23.38 -7.08 -9.39
N ASN C 317 -22.32 -7.60 -10.01
CA ASN C 317 -21.66 -6.89 -11.14
C ASN C 317 -22.12 -7.54 -12.45
N ARG C 318 -23.17 -8.36 -12.39
CA ARG C 318 -23.69 -9.06 -13.59
C ARG C 318 -22.60 -9.94 -14.20
N VAL C 319 -21.55 -10.26 -13.43
CA VAL C 319 -20.48 -11.18 -13.93
C VAL C 319 -20.03 -12.07 -12.76
N THR C 320 -19.63 -13.32 -13.06
CA THR C 320 -19.15 -14.27 -12.00
C THR C 320 -18.18 -15.27 -12.65
N GLU C 321 -17.08 -15.60 -11.98
CA GLU C 321 -16.07 -16.48 -12.62
C GLU C 321 -15.68 -17.64 -11.68
N ARG C 322 -15.75 -18.88 -12.16
CA ARG C 322 -15.31 -20.05 -11.37
C ARG C 322 -14.27 -20.81 -12.18
N THR C 323 -13.15 -21.21 -11.57
CA THR C 323 -12.05 -21.86 -12.35
C THR C 323 -11.80 -23.28 -11.85
N VAL C 324 -11.03 -24.06 -12.61
CA VAL C 324 -10.71 -25.47 -12.24
C VAL C 324 -9.37 -25.88 -12.85
N ASP C 325 -8.54 -26.63 -12.11
CA ASP C 325 -7.24 -27.13 -12.63
C ASP C 325 -7.09 -28.59 -12.16
N LYS C 326 -6.06 -29.29 -12.63
CA LYS C 326 -5.87 -30.73 -12.29
C LYS C 326 -5.70 -30.90 -10.77
N SER C 327 -5.24 -29.87 -10.07
CA SER C 327 -4.95 -30.00 -8.62
C SER C 327 -6.14 -29.56 -7.77
N THR C 328 -7.25 -29.18 -8.41
CA THR C 328 -8.40 -28.62 -7.64
C THR C 328 -9.24 -29.75 -7.06
N GLY C 329 -9.28 -29.87 -5.72
CA GLY C 329 -10.16 -30.89 -5.10
C GLY C 329 -9.38 -32.11 -4.61
N LYS C 330 -8.17 -32.33 -5.15
CA LYS C 330 -7.35 -33.48 -4.73
C LYS C 330 -7.17 -33.44 -3.22
N PRO C 331 -7.30 -34.57 -2.46
CA PRO C 331 -7.22 -34.52 -0.99
C PRO C 331 -5.79 -34.71 -0.46
N THR C 332 -5.60 -34.53 0.86
CA THR C 332 -4.26 -34.72 1.48
C THR C 332 -4.01 -36.22 1.69
N LEU C 333 -2.78 -36.68 1.43
CA LEU C 333 -2.48 -38.13 1.55
C LEU C 333 -1.64 -38.36 2.81
N TYR C 334 -0.60 -37.55 3.04
CA TYR C 334 0.32 -37.76 4.19
C TYR C 334 -0.04 -36.89 5.38
N ASN C 335 -0.07 -37.47 6.58
CA ASN C 335 -0.33 -36.71 7.81
C ASN C 335 0.82 -37.01 8.76
N VAL C 336 1.92 -36.27 8.62
CA VAL C 336 3.09 -36.47 9.43
C VAL C 336 2.91 -35.74 10.75
N SER C 337 3.19 -36.44 11.86
CA SER C 337 3.06 -35.88 13.20
C SER C 337 4.29 -36.32 14.00
N LEU C 338 5.34 -35.51 13.96
CA LEU C 338 6.57 -35.80 14.68
C LEU C 338 6.50 -35.24 16.09
N VAL C 339 6.88 -36.06 17.06
CA VAL C 339 6.71 -35.75 18.48
C VAL C 339 8.05 -35.89 19.19
N MET C 340 8.31 -35.01 20.14
CA MET C 340 9.54 -35.04 20.91
C MET C 340 9.27 -35.46 22.35
N LEU D 3 -0.92 -15.44 37.74
CA LEU D 3 -0.84 -16.35 38.91
C LEU D 3 -1.99 -16.05 39.89
N PRO D 4 -2.14 -14.82 40.43
CA PRO D 4 -3.19 -14.55 41.43
C PRO D 4 -4.58 -14.56 40.78
N GLU D 5 -5.61 -14.97 41.53
CA GLU D 5 -7.00 -14.95 41.00
C GLU D 5 -7.88 -14.09 41.91
N VAL D 6 -8.46 -13.01 41.38
CA VAL D 6 -9.37 -12.15 42.17
C VAL D 6 -10.68 -12.90 42.41
N LYS D 7 -11.05 -13.82 41.52
CA LYS D 7 -12.34 -14.54 41.64
C LYS D 7 -13.43 -13.49 41.90
N VAL D 8 -13.31 -12.33 41.26
CA VAL D 8 -14.31 -11.23 41.42
C VAL D 8 -15.71 -11.78 41.20
N GLU D 9 -16.70 -11.27 41.95
CA GLU D 9 -18.11 -11.72 41.74
C GLU D 9 -18.99 -10.48 41.60
N GLY D 10 -20.17 -10.65 40.98
CA GLY D 10 -21.09 -9.55 40.77
C GLY D 10 -22.53 -9.98 40.61
N GLU D 11 -23.38 -9.07 40.14
CA GLU D 11 -24.79 -9.34 39.96
C GLU D 11 -25.20 -8.97 38.53
N LEU D 12 -26.28 -9.57 38.06
CA LEU D 12 -26.80 -9.23 36.75
C LEU D 12 -27.22 -7.77 36.71
N GLY D 13 -26.84 -7.08 35.64
CA GLY D 13 -27.03 -5.65 35.61
C GLY D 13 -25.98 -4.94 36.46
N GLY D 14 -26.20 -3.65 36.65
CA GLY D 14 -25.25 -2.87 37.44
C GLY D 14 -23.89 -2.82 36.76
N SER D 15 -22.84 -2.92 37.59
CA SER D 15 -21.48 -2.88 37.07
C SER D 15 -20.57 -3.61 38.04
N VAL D 16 -19.41 -4.06 37.53
CA VAL D 16 -18.41 -4.76 38.38
C VAL D 16 -17.02 -4.24 38.00
N THR D 17 -16.15 -4.05 39.00
CA THR D 17 -14.79 -3.50 38.73
C THR D 17 -13.76 -4.62 38.78
N ILE D 18 -12.92 -4.74 37.74
CA ILE D 18 -11.85 -5.78 37.70
C ILE D 18 -10.54 -5.13 38.17
N LYS D 19 -9.92 -5.69 39.22
CA LYS D 19 -8.65 -5.12 39.76
C LYS D 19 -7.47 -5.90 39.18
N CYS D 20 -6.56 -5.22 38.48
CA CYS D 20 -5.37 -5.89 37.89
C CYS D 20 -4.13 -5.03 38.14
N PRO D 21 -2.92 -5.63 38.28
CA PRO D 21 -1.72 -4.86 38.60
C PRO D 21 -1.24 -4.04 37.40
N LEU D 22 -0.81 -2.79 37.65
CA LEU D 22 -0.30 -1.93 36.56
C LEU D 22 1.23 -1.96 36.58
N PRO D 23 1.92 -2.70 35.66
CA PRO D 23 3.38 -2.82 35.73
C PRO D 23 4.08 -1.61 35.07
N GLU D 24 5.41 -1.53 35.23
CA GLU D 24 6.18 -0.41 34.64
C GLU D 24 7.05 -0.97 33.51
N MET D 25 7.55 -0.10 32.62
CA MET D 25 8.37 -0.54 31.44
C MET D 25 7.51 -1.41 30.51
N HIS D 26 6.19 -1.26 30.55
CA HIS D 26 5.25 -1.99 29.66
C HIS D 26 4.15 -1.00 29.31
N VAL D 27 4.06 -0.55 28.06
CA VAL D 27 3.09 0.54 27.77
C VAL D 27 1.70 -0.07 27.48
N ARG D 28 1.63 -1.00 26.51
CA ARG D 28 0.34 -1.66 26.18
C ARG D 28 -0.19 -2.43 27.40
N ILE D 29 -1.36 -2.05 27.90
CA ILE D 29 -2.01 -2.78 29.04
C ILE D 29 -3.36 -3.30 28.54
N TYR D 30 -3.63 -4.60 28.68
CA TYR D 30 -4.89 -5.15 28.10
C TYR D 30 -5.62 -6.03 29.12
N LEU D 31 -6.91 -6.28 28.89
CA LEU D 31 -7.68 -7.20 29.76
C LEU D 31 -8.22 -8.30 28.84
N CYS D 32 -7.32 -9.15 28.32
CA CYS D 32 -7.71 -10.19 27.33
C CYS D 32 -8.77 -11.15 27.90
N ARG D 33 -9.61 -11.71 27.04
CA ARG D 33 -10.61 -12.73 27.49
C ARG D 33 -10.11 -14.11 27.04
N GLU D 34 -9.94 -15.03 27.99
CA GLU D 34 -9.41 -16.38 27.65
C GLU D 34 -10.48 -17.17 26.90
N MET D 35 -10.49 -17.08 25.57
CA MET D 35 -11.49 -17.83 24.76
C MET D 35 -11.31 -19.33 25.03
N ALA D 36 -10.06 -19.78 25.15
CA ALA D 36 -9.78 -21.22 25.45
C ALA D 36 -10.46 -22.12 24.42
N GLY D 37 -10.56 -21.66 23.16
CA GLY D 37 -11.14 -22.49 22.10
C GLY D 37 -10.07 -23.25 21.36
N SER D 38 -9.28 -22.55 20.52
CA SER D 38 -8.15 -23.20 19.82
C SER D 38 -6.84 -22.68 20.43
N GLY D 39 -6.84 -22.45 21.74
CA GLY D 39 -5.64 -21.90 22.41
C GLY D 39 -5.36 -20.48 21.98
N THR D 40 -6.40 -19.65 21.89
CA THR D 40 -6.23 -18.24 21.44
C THR D 40 -6.98 -17.31 22.39
N CYS D 41 -6.41 -16.15 22.73
CA CYS D 41 -7.06 -15.19 23.65
C CYS D 41 -7.33 -13.89 22.88
N GLY D 42 -8.58 -13.40 22.89
CA GLY D 42 -8.93 -12.18 22.12
C GLY D 42 -8.94 -10.93 23.00
N THR D 43 -8.23 -9.88 22.58
CA THR D 43 -8.13 -8.64 23.38
C THR D 43 -9.51 -7.99 23.51
N VAL D 44 -10.00 -7.79 24.74
CA VAL D 44 -11.30 -7.08 24.95
C VAL D 44 -11.04 -5.57 24.91
N VAL D 45 -10.01 -5.11 25.63
CA VAL D 45 -9.67 -3.65 25.65
C VAL D 45 -8.14 -3.50 25.65
N SER D 46 -7.64 -2.34 25.25
CA SER D 46 -6.18 -2.10 25.28
C SER D 46 -5.92 -0.59 25.38
N THR D 47 -4.68 -0.21 25.70
CA THR D 47 -4.31 1.23 25.73
C THR D 47 -4.17 1.72 24.29
N THR D 48 -4.00 0.81 23.35
CA THR D 48 -3.88 1.19 21.92
C THR D 48 -5.25 1.58 21.38
N ASN D 49 -6.30 1.48 22.22
CA ASN D 49 -7.68 1.86 21.83
C ASN D 49 -8.31 0.78 20.94
N PHE D 50 -8.74 -0.34 21.52
CA PHE D 50 -9.49 -1.36 20.76
C PHE D 50 -10.53 -1.98 21.70
N ILE D 51 -11.79 -1.55 21.61
CA ILE D 51 -12.83 -2.20 22.45
C ILE D 51 -13.66 -3.13 21.56
N LYS D 52 -13.63 -4.44 21.85
CA LYS D 52 -14.35 -5.43 21.07
C LYS D 52 -15.78 -4.97 20.81
N ALA D 53 -16.34 -5.39 19.67
CA ALA D 53 -17.66 -4.94 19.28
C ALA D 53 -18.72 -5.36 20.29
N GLU D 54 -18.63 -6.60 20.80
CA GLU D 54 -19.59 -7.07 21.79
C GLU D 54 -19.52 -6.28 23.09
N TYR D 55 -18.39 -5.64 23.38
CA TYR D 55 -18.21 -4.84 24.59
C TYR D 55 -18.14 -3.35 24.30
N LYS D 56 -18.54 -2.92 23.11
CA LYS D 56 -18.42 -1.51 22.74
C LYS D 56 -19.40 -0.67 23.55
N GLY D 57 -18.88 0.40 24.16
CA GLY D 57 -19.71 1.30 24.94
C GLY D 57 -20.10 0.80 26.32
N ARG D 58 -19.51 -0.30 26.77
CA ARG D 58 -19.84 -0.87 28.08
C ARG D 58 -18.65 -1.01 29.00
N VAL D 59 -17.42 -0.80 28.52
CA VAL D 59 -16.21 -1.02 29.31
C VAL D 59 -15.30 0.19 29.19
N THR D 60 -14.43 0.35 30.17
CA THR D 60 -13.46 1.44 30.19
C THR D 60 -12.23 1.00 30.96
N LEU D 61 -11.10 1.65 30.67
CA LEU D 61 -9.82 1.34 31.30
C LEU D 61 -9.17 2.63 31.75
N LYS D 62 -8.95 2.76 33.05
CA LYS D 62 -8.33 3.94 33.64
C LYS D 62 -7.07 3.52 34.37
N GLN D 63 -5.96 4.18 34.05
CA GLN D 63 -4.66 3.87 34.64
C GLN D 63 -4.20 5.04 35.49
N TYR D 64 -3.72 4.74 36.69
CA TYR D 64 -3.18 5.76 37.60
C TYR D 64 -2.15 5.09 38.50
N PRO D 65 -0.87 5.41 38.33
CA PRO D 65 0.18 4.74 39.10
C PRO D 65 0.26 5.21 40.54
N ARG D 66 -0.87 5.21 41.26
CA ARG D 66 -0.86 5.55 42.67
C ARG D 66 -0.43 4.36 43.52
N LYS D 67 -1.18 3.25 43.44
CA LYS D 67 -0.83 2.01 44.11
C LYS D 67 -0.36 0.95 43.12
N ASN D 68 0.14 1.37 41.95
CA ASN D 68 0.53 0.46 40.87
C ASN D 68 -0.64 -0.45 40.49
N LEU D 69 -1.78 0.18 40.20
CA LEU D 69 -3.00 -0.53 39.87
C LEU D 69 -3.73 0.20 38.76
N PHE D 70 -4.28 -0.56 37.82
CA PHE D 70 -5.20 -0.05 36.82
C PHE D 70 -6.52 -0.78 36.95
N LEU D 71 -7.62 -0.02 36.95
CA LEU D 71 -8.94 -0.57 37.19
C LEU D 71 -9.75 -0.54 35.89
N VAL D 72 -10.44 -1.63 35.61
CA VAL D 72 -11.30 -1.77 34.44
C VAL D 72 -12.72 -2.06 34.92
N GLU D 73 -13.67 -1.28 34.45
CA GLU D 73 -15.06 -1.41 34.85
C GLU D 73 -15.89 -1.95 33.69
N VAL D 74 -16.77 -2.90 34.00
CA VAL D 74 -17.68 -3.49 33.02
C VAL D 74 -19.08 -3.12 33.43
N THR D 75 -19.75 -2.29 32.63
CA THR D 75 -21.12 -1.88 32.89
C THR D 75 -22.09 -2.88 32.28
N GLN D 76 -23.28 -3.00 32.88
CA GLN D 76 -24.27 -4.01 32.41
C GLN D 76 -23.68 -5.41 32.66
N LEU D 77 -24.45 -6.46 32.38
CA LEU D 77 -23.90 -7.84 32.52
C LEU D 77 -24.76 -8.81 31.70
N THR D 78 -24.13 -9.83 31.11
CA THR D 78 -24.88 -10.86 30.35
C THR D 78 -24.30 -12.23 30.68
N GLU D 79 -25.07 -13.30 30.45
CA GLU D 79 -24.52 -14.67 30.69
C GLU D 79 -23.15 -14.76 30.03
N SER D 80 -23.01 -14.26 28.79
CA SER D 80 -21.71 -14.28 28.08
C SER D 80 -20.62 -13.76 29.02
N ASP D 81 -20.94 -12.78 29.85
CA ASP D 81 -19.94 -12.20 30.80
C ASP D 81 -19.83 -13.11 32.03
N SER D 82 -19.28 -14.31 31.84
CA SER D 82 -19.12 -15.27 32.97
C SER D 82 -17.99 -16.26 32.65
N GLY D 83 -16.76 -15.74 32.48
CA GLY D 83 -15.62 -16.61 32.11
C GLY D 83 -14.32 -16.11 32.68
N VAL D 84 -13.21 -16.28 31.95
CA VAL D 84 -11.86 -15.88 32.45
C VAL D 84 -11.38 -14.65 31.65
N TYR D 85 -10.88 -13.62 32.34
CA TYR D 85 -10.37 -12.42 31.65
C TYR D 85 -8.93 -12.13 32.12
N ALA D 86 -7.97 -12.94 31.66
CA ALA D 86 -6.55 -12.74 32.04
C ALA D 86 -6.07 -11.36 31.59
N CYS D 87 -5.53 -10.57 32.52
CA CYS D 87 -5.00 -9.22 32.19
C CYS D 87 -3.48 -9.26 32.15
N GLY D 88 -2.86 -8.48 31.25
CA GLY D 88 -1.39 -8.50 31.12
C GLY D 88 -0.86 -7.31 30.34
N ALA D 89 0.36 -7.43 29.81
CA ALA D 89 0.99 -6.31 29.07
C ALA D 89 1.85 -6.87 27.93
N GLY D 90 2.44 -6.00 27.10
CA GLY D 90 3.32 -6.46 26.01
C GLY D 90 2.57 -6.61 24.70
N MET D 91 3.29 -6.62 23.57
CA MET D 91 2.64 -6.72 22.23
C MET D 91 1.94 -8.07 22.08
N ASN D 92 2.62 -9.17 22.42
CA ASN D 92 2.02 -10.52 22.32
C ASN D 92 0.97 -10.67 23.43
N THR D 93 -0.29 -10.87 23.06
CA THR D 93 -1.38 -10.96 24.07
C THR D 93 -1.33 -12.32 24.75
N ASP D 94 -1.03 -13.38 24.00
CA ASP D 94 -1.06 -14.76 24.58
C ASP D 94 0.15 -14.99 25.49
N ARG D 95 1.20 -14.18 25.36
CA ARG D 95 2.44 -14.40 26.15
C ARG D 95 2.51 -13.42 27.33
N GLY D 96 1.37 -12.83 27.70
CA GLY D 96 1.33 -11.92 28.87
C GLY D 96 0.47 -12.51 29.96
N LYS D 97 -0.79 -12.08 30.06
CA LYS D 97 -1.73 -12.67 31.04
C LYS D 97 -1.06 -12.75 32.41
N THR D 98 -0.59 -11.60 32.93
CA THR D 98 0.12 -11.58 34.24
C THR D 98 -0.79 -12.14 35.34
N GLN D 99 -2.06 -11.72 35.36
CA GLN D 99 -3.00 -12.17 36.42
C GLN D 99 -4.23 -12.81 35.77
N LYS D 100 -4.79 -13.84 36.40
CA LYS D 100 -6.01 -14.52 35.86
C LYS D 100 -7.19 -14.20 36.79
N VAL D 101 -8.40 -14.05 36.23
CA VAL D 101 -9.56 -13.72 37.04
C VAL D 101 -10.75 -14.47 36.46
N THR D 102 -11.78 -14.66 37.28
CA THR D 102 -13.00 -15.33 36.85
C THR D 102 -14.21 -14.46 37.14
N LEU D 103 -15.25 -14.64 36.31
CA LEU D 103 -16.46 -13.84 36.42
C LEU D 103 -17.67 -14.77 36.27
N ASN D 104 -18.79 -14.35 36.87
CA ASN D 104 -20.02 -15.12 36.82
C ASN D 104 -21.20 -14.15 36.90
N VAL D 105 -22.40 -14.71 37.05
CA VAL D 105 -23.63 -13.92 37.16
C VAL D 105 -24.49 -14.51 38.27
N HIS D 106 -25.10 -13.64 39.06
CA HIS D 106 -25.96 -14.04 40.18
C HIS D 106 -27.36 -13.53 39.90
N SER D 107 -28.19 -14.37 39.29
CA SER D 107 -29.57 -14.02 38.99
C SER D 107 -30.43 -15.27 38.78
N ILE E 117 -1.90 39.76 -2.81
CA ILE E 117 -0.73 40.27 -2.04
C ILE E 117 -0.48 39.35 -0.84
N ARG E 118 0.24 38.25 -1.10
CA ARG E 118 0.54 37.28 -0.03
C ARG E 118 2.01 36.91 -0.05
N VAL E 119 2.51 36.47 1.10
CA VAL E 119 3.91 35.97 1.20
C VAL E 119 3.82 34.65 1.96
N PHE E 120 4.03 33.55 1.25
CA PHE E 120 3.89 32.22 1.88
C PHE E 120 5.26 31.67 2.23
N ALA E 121 5.37 31.15 3.46
CA ALA E 121 6.65 30.59 3.95
C ALA E 121 6.61 29.08 4.00
N ILE E 122 7.79 28.48 4.08
CA ILE E 122 7.89 27.00 4.18
C ILE E 122 8.64 26.69 5.47
N PRO E 123 7.95 26.32 6.56
CA PRO E 123 8.66 25.94 7.77
C PRO E 123 9.39 24.63 7.59
N PRO E 124 10.50 24.41 8.31
CA PRO E 124 11.20 23.16 8.22
C PRO E 124 10.32 21.99 8.64
N SER E 125 10.42 20.89 7.90
CA SER E 125 9.66 19.66 8.20
C SER E 125 10.57 18.66 8.92
N PHE E 126 9.95 17.73 9.63
CA PHE E 126 10.75 16.72 10.35
C PHE E 126 11.49 15.84 9.36
N ALA E 127 10.87 15.58 8.21
CA ALA E 127 11.56 14.78 7.17
C ALA E 127 12.82 15.50 6.70
N SER E 128 12.71 16.79 6.44
CA SER E 128 13.89 17.57 6.01
C SER E 128 14.94 17.64 7.12
N ILE E 129 14.49 17.82 8.34
CA ILE E 129 15.43 17.89 9.48
C ILE E 129 16.20 16.57 9.60
N PHE E 130 15.51 15.45 9.50
CA PHE E 130 16.20 14.16 9.65
C PHE E 130 16.99 13.82 8.38
N LEU E 131 16.63 14.40 7.24
CA LEU E 131 17.37 14.08 6.01
C LEU E 131 18.65 14.90 5.92
N THR E 132 18.65 16.13 6.43
CA THR E 132 19.84 17.00 6.20
C THR E 132 20.56 17.42 7.48
N LYS E 133 19.97 17.16 8.63
CA LYS E 133 20.57 17.55 9.93
C LYS E 133 20.78 19.06 9.94
N SER E 134 19.85 19.81 9.35
CA SER E 134 19.94 21.28 9.31
C SER E 134 18.55 21.90 9.18
N THR E 135 18.01 22.48 10.25
CA THR E 135 16.69 23.15 10.17
C THR E 135 16.86 24.49 9.48
N LYS E 136 15.99 24.84 8.55
CA LYS E 136 16.12 26.12 7.79
C LYS E 136 14.80 26.87 7.75
N LEU E 137 14.83 28.18 7.86
CA LEU E 137 13.60 29.00 7.77
C LEU E 137 13.55 29.62 6.38
N THR E 138 12.47 29.41 5.63
CA THR E 138 12.39 29.91 4.24
C THR E 138 11.01 30.50 3.96
N CYS E 139 10.96 31.63 3.24
CA CYS E 139 9.68 32.26 2.88
C CYS E 139 9.73 32.76 1.44
N LEU E 140 8.59 32.67 0.78
CA LEU E 140 8.50 33.11 -0.64
C LEU E 140 7.37 34.12 -0.80
N VAL E 141 7.56 35.00 -1.76
CA VAL E 141 6.54 36.04 -2.07
C VAL E 141 5.70 35.56 -3.24
N THR E 142 4.43 35.97 -3.23
CA THR E 142 3.54 35.61 -4.35
C THR E 142 2.56 36.75 -4.59
N ASP E 143 1.84 36.65 -5.70
CA ASP E 143 0.81 37.67 -6.07
C ASP E 143 1.42 39.07 -6.23
N LEU E 144 2.72 39.14 -6.52
CA LEU E 144 3.38 40.44 -6.73
C LEU E 144 4.01 40.45 -8.11
N THR E 145 3.81 41.56 -8.83
CA THR E 145 4.41 41.68 -10.17
C THR E 145 5.93 41.69 -10.06
N THR E 146 6.59 41.12 -11.05
CA THR E 146 8.06 41.03 -11.03
C THR E 146 8.69 42.42 -10.96
N TYR E 147 9.64 42.57 -10.05
CA TYR E 147 10.32 43.86 -9.85
C TYR E 147 11.73 43.57 -9.35
N ASP E 148 12.38 44.59 -8.79
CA ASP E 148 13.74 44.42 -8.26
C ASP E 148 13.84 45.28 -7.00
N SER E 149 15.05 45.44 -6.48
CA SER E 149 15.29 46.27 -5.27
C SER E 149 14.47 45.73 -4.09
N VAL E 150 14.57 44.41 -3.89
CA VAL E 150 13.84 43.76 -2.78
C VAL E 150 14.85 43.06 -1.89
N THR E 151 14.75 43.34 -0.59
CA THR E 151 15.65 42.69 0.38
C THR E 151 14.81 41.88 1.37
N ILE E 152 15.23 40.64 1.61
CA ILE E 152 14.49 39.76 2.54
C ILE E 152 15.40 39.44 3.73
N SER E 153 14.82 39.55 4.91
CA SER E 153 15.58 39.25 6.15
C SER E 153 14.71 38.43 7.08
N TRP E 154 15.36 37.66 7.95
CA TRP E 154 14.63 36.82 8.91
C TRP E 154 14.80 37.40 10.31
N THR E 155 13.70 37.48 11.07
CA THR E 155 13.76 38.02 12.45
C THR E 155 13.18 36.99 13.42
N ARG E 156 13.37 37.18 14.73
CA ARG E 156 12.86 36.21 15.72
C ARG E 156 12.05 36.94 16.80
N GLN E 157 11.39 36.18 17.68
CA GLN E 157 10.54 36.79 18.74
C GLN E 157 11.42 37.66 19.64
N ASN E 158 12.64 37.20 19.95
CA ASN E 158 13.55 37.98 20.83
C ASN E 158 13.76 39.37 20.21
N GLY E 159 13.89 39.44 18.88
CA GLY E 159 14.01 40.76 18.22
C GLY E 159 15.25 40.87 17.36
N GLU E 160 16.32 40.15 17.72
CA GLU E 160 17.59 40.28 16.96
C GLU E 160 17.45 39.61 15.60
N ALA E 161 18.24 40.04 14.61
CA ALA E 161 18.18 39.45 13.26
C ALA E 161 19.05 38.19 13.20
N VAL E 162 19.08 37.51 12.06
CA VAL E 162 19.86 36.26 11.91
C VAL E 162 20.72 36.34 10.65
N LYS E 163 21.31 35.21 10.28
CA LYS E 163 22.24 35.19 9.14
C LYS E 163 21.54 35.65 7.86
N THR E 164 22.35 36.10 6.92
CA THR E 164 21.81 36.66 5.68
C THR E 164 21.48 35.57 4.69
N HIS E 165 20.38 35.76 3.98
CA HIS E 165 20.00 34.80 2.92
C HIS E 165 20.93 34.87 1.72
N THR E 166 20.88 33.83 0.90
CA THR E 166 21.65 33.80 -0.35
C THR E 166 20.80 33.15 -1.42
N ASN E 167 21.37 33.00 -2.61
CA ASN E 167 20.72 32.23 -3.71
C ASN E 167 19.37 32.86 -4.07
N ILE E 168 19.44 34.08 -4.58
CA ILE E 168 18.20 34.75 -5.04
C ILE E 168 17.53 33.91 -6.12
N SER E 169 16.22 33.80 -6.02
CA SER E 169 15.45 33.00 -7.00
C SER E 169 15.19 33.83 -8.25
N GLU E 170 14.29 33.34 -9.10
CA GLU E 170 13.98 34.06 -10.34
C GLU E 170 12.52 34.53 -10.32
N SER E 171 12.10 35.08 -11.46
CA SER E 171 10.71 35.59 -11.56
C SER E 171 9.82 34.52 -12.19
N HIS E 172 8.69 34.27 -11.55
CA HIS E 172 7.73 33.29 -12.12
C HIS E 172 7.18 33.83 -13.44
N PRO E 173 7.06 32.97 -14.47
CA PRO E 173 6.59 33.44 -15.78
C PRO E 173 5.07 33.68 -15.87
N ASN E 174 4.38 33.70 -14.73
CA ASN E 174 2.91 33.94 -14.73
C ASN E 174 2.62 35.32 -14.11
N ALA E 175 3.46 36.30 -14.41
CA ALA E 175 3.25 37.69 -13.92
C ALA E 175 3.27 37.72 -12.39
N THR E 176 4.11 36.89 -11.79
CA THR E 176 4.25 36.89 -10.31
C THR E 176 5.74 36.86 -9.97
N PHE E 177 6.05 37.37 -8.79
CA PHE E 177 7.44 37.42 -8.33
C PHE E 177 7.57 36.64 -7.02
N SER E 178 8.75 36.08 -6.82
CA SER E 178 9.00 35.28 -5.61
C SER E 178 10.44 35.50 -5.15
N ALA E 179 10.60 35.72 -3.85
CA ALA E 179 11.94 35.89 -3.27
C ALA E 179 12.11 34.85 -2.16
N VAL E 180 13.28 34.22 -2.13
CA VAL E 180 13.53 33.13 -1.16
C VAL E 180 14.60 33.59 -0.18
N GLY E 181 14.35 33.29 1.08
CA GLY E 181 15.32 33.68 2.12
C GLY E 181 15.64 32.53 3.06
N GLU E 182 16.92 32.19 3.13
CA GLU E 182 17.36 31.05 3.95
C GLU E 182 17.96 31.55 5.26
N ALA E 183 17.68 30.83 6.33
CA ALA E 183 18.23 31.19 7.64
C ALA E 183 18.38 29.90 8.44
N SER E 184 19.62 29.59 8.80
CA SER E 184 19.90 28.34 9.52
C SER E 184 19.98 28.65 11.01
N ILE E 185 19.13 27.99 11.78
CA ILE E 185 19.15 28.21 13.26
C ILE E 185 19.02 26.86 13.98
N CYS E 186 19.22 26.85 15.29
CA CYS E 186 19.17 25.60 16.08
C CYS E 186 17.74 25.07 16.04
N GLU E 187 17.59 23.75 15.90
CA GLU E 187 16.23 23.15 15.82
C GLU E 187 15.54 23.26 17.18
N ASP E 188 16.32 23.39 18.26
CA ASP E 188 15.72 23.45 19.62
C ASP E 188 14.75 24.63 19.70
N ASP E 189 15.13 25.79 19.16
CA ASP E 189 14.25 26.99 19.23
C ASP E 189 12.99 26.73 18.39
N TRP E 190 13.14 26.09 17.23
CA TRP E 190 11.97 25.79 16.37
C TRP E 190 11.05 24.88 17.15
N ASN E 191 11.61 23.87 17.83
CA ASN E 191 10.77 22.94 18.64
C ASN E 191 10.21 23.72 19.83
N SER E 192 11.06 24.50 20.50
CA SER E 192 10.60 25.30 21.67
C SER E 192 9.39 26.14 21.23
N GLY E 193 9.38 26.62 19.99
CA GLY E 193 8.23 27.38 19.47
C GLY E 193 8.54 28.85 19.27
N GLU E 194 9.82 29.20 19.29
CA GLU E 194 10.18 30.61 19.01
C GLU E 194 9.41 31.14 17.80
N ARG E 195 9.00 32.40 17.87
CA ARG E 195 8.24 33.01 16.75
C ARG E 195 9.23 33.62 15.76
N PHE E 196 9.22 33.11 14.53
CA PHE E 196 10.15 33.61 13.49
C PHE E 196 9.35 34.27 12.38
N THR E 197 9.72 35.51 12.07
CA THR E 197 9.01 36.29 11.03
C THR E 197 10.01 36.85 10.03
N CYS E 198 9.73 36.64 8.74
CA CYS E 198 10.60 37.20 7.70
C CYS E 198 9.98 38.48 7.17
N THR E 199 10.80 39.51 7.03
CA THR E 199 10.31 40.84 6.59
C THR E 199 10.74 41.10 5.14
N VAL E 200 9.76 41.39 4.30
CA VAL E 200 10.06 41.69 2.88
C VAL E 200 9.58 43.10 2.56
N THR E 201 10.41 43.86 1.85
CA THR E 201 10.05 45.23 1.48
C THR E 201 9.90 45.35 -0.03
N HIS E 202 8.78 45.93 -0.46
CA HIS E 202 8.54 46.10 -1.91
C HIS E 202 8.17 47.55 -2.17
N THR E 203 8.01 47.88 -3.45
CA THR E 203 7.70 49.28 -3.84
C THR E 203 6.20 49.58 -3.75
N ASP E 204 5.37 48.70 -4.30
CA ASP E 204 3.92 48.98 -4.32
C ASP E 204 3.37 49.05 -2.89
N LEU E 205 3.81 48.12 -2.05
CA LEU E 205 3.36 48.16 -0.64
C LEU E 205 4.14 49.25 0.11
N PRO E 206 3.47 50.12 0.87
CA PRO E 206 4.20 51.13 1.63
C PRO E 206 4.82 50.59 2.92
N SER E 207 4.14 49.62 3.55
CA SER E 207 4.63 49.05 4.81
C SER E 207 5.06 47.61 4.57
N PRO E 208 6.27 47.20 4.99
CA PRO E 208 6.72 45.84 4.73
C PRO E 208 5.80 44.80 5.37
N LEU E 209 5.62 43.69 4.67
CA LEU E 209 4.72 42.63 5.16
C LEU E 209 5.43 41.73 6.18
N LYS E 210 4.70 41.30 7.21
CA LYS E 210 5.30 40.41 8.24
C LYS E 210 4.63 39.03 8.19
N GLN E 211 5.44 37.96 8.17
CA GLN E 211 4.88 36.57 8.12
C GLN E 211 5.41 35.76 9.30
N THR E 212 4.62 35.65 10.37
CA THR E 212 5.03 34.87 11.58
C THR E 212 4.95 33.37 11.28
N ILE E 213 5.95 32.60 11.71
CA ILE E 213 5.98 31.13 11.47
C ILE E 213 6.36 30.42 12.77
N SER E 214 5.51 29.52 13.27
CA SER E 214 5.84 28.76 14.51
C SER E 214 5.32 27.33 14.42
N ARG E 215 5.94 26.41 15.18
CA ARG E 215 5.47 25.00 15.18
C ARG E 215 4.25 24.88 16.10
N PRO E 216 3.23 24.06 15.76
CA PRO E 216 2.08 23.86 16.66
C PRO E 216 2.61 23.23 17.95
N LYS E 217 2.50 23.94 19.07
CA LYS E 217 3.08 23.42 20.34
C LYS E 217 1.99 22.65 21.10
N GLY E 218 2.06 21.32 21.06
CA GLY E 218 1.07 20.47 21.78
C GLY E 218 0.32 19.55 20.83
N VAL E 219 0.84 18.34 20.62
CA VAL E 219 0.17 17.34 19.72
C VAL E 219 0.26 15.96 20.40
N ALA E 220 -0.85 15.21 20.43
CA ALA E 220 -0.80 13.84 20.97
C ALA E 220 0.27 13.06 20.21
N LEU E 221 1.19 12.39 20.92
CA LEU E 221 2.30 11.67 20.24
C LEU E 221 2.07 10.16 20.33
N HIS E 222 2.18 9.46 19.20
CA HIS E 222 2.01 7.98 19.18
C HIS E 222 3.06 7.36 18.25
N ARG E 223 3.82 6.38 18.75
CA ARG E 223 4.90 5.75 17.94
C ARG E 223 4.29 4.93 16.81
N PRO E 224 4.84 4.99 15.58
CA PRO E 224 4.33 4.19 14.46
C PRO E 224 4.65 2.69 14.58
N ASP E 225 3.80 1.83 14.00
CA ASP E 225 4.07 0.37 14.00
C ASP E 225 4.44 -0.04 12.56
N VAL E 226 5.55 -0.76 12.38
CA VAL E 226 5.99 -1.08 10.99
C VAL E 226 5.73 -2.55 10.66
N TYR E 227 5.37 -2.84 9.41
CA TYR E 227 5.12 -4.24 8.98
C TYR E 227 5.65 -4.43 7.55
N LEU E 228 6.63 -5.32 7.37
CA LEU E 228 7.17 -5.60 6.01
C LEU E 228 6.44 -6.81 5.42
N LEU E 229 6.16 -6.79 4.11
CA LEU E 229 5.39 -7.88 3.46
C LEU E 229 6.20 -8.45 2.30
N PRO E 230 6.33 -9.79 2.17
CA PRO E 230 7.08 -10.41 1.07
C PRO E 230 6.24 -10.48 -0.22
N PRO E 231 6.87 -10.43 -1.42
CA PRO E 231 6.11 -10.42 -2.68
C PRO E 231 5.20 -11.63 -2.82
N ALA E 232 4.12 -11.42 -3.55
CA ALA E 232 3.13 -12.47 -3.75
C ALA E 232 3.68 -13.59 -4.62
N ARG E 233 3.16 -14.80 -4.39
CA ARG E 233 3.63 -15.96 -5.14
C ARG E 233 3.35 -15.82 -6.63
N GLU E 234 2.15 -15.35 -6.98
CA GLU E 234 1.80 -15.20 -8.38
C GLU E 234 2.66 -14.16 -9.08
N GLN E 235 3.24 -13.22 -8.34
CA GLN E 235 4.16 -12.26 -8.94
C GLN E 235 5.52 -12.90 -9.21
N LEU E 236 5.98 -13.79 -8.32
CA LEU E 236 7.23 -14.49 -8.54
C LEU E 236 7.00 -15.73 -9.40
N ASN E 237 6.30 -15.54 -10.51
CA ASN E 237 6.16 -16.57 -11.53
C ASN E 237 6.45 -16.06 -12.92
N LEU E 238 6.37 -14.74 -13.13
CA LEU E 238 6.77 -14.17 -14.44
C LEU E 238 8.29 -14.08 -14.47
N ARG E 239 8.95 -14.31 -13.33
CA ARG E 239 10.41 -14.24 -13.24
C ARG E 239 10.93 -12.90 -13.79
N GLU E 240 10.25 -11.81 -13.41
CA GLU E 240 10.64 -10.47 -13.93
C GLU E 240 10.98 -9.53 -12.78
N SER E 241 10.09 -9.37 -11.80
CA SER E 241 10.32 -8.38 -10.76
C SER E 241 9.51 -8.76 -9.53
N ALA E 242 9.71 -8.00 -8.45
CA ALA E 242 9.00 -8.22 -7.20
C ALA E 242 8.88 -6.91 -6.45
N THR E 243 7.79 -6.79 -5.70
CA THR E 243 7.48 -5.57 -4.97
C THR E 243 7.33 -5.90 -3.48
N ILE E 244 8.10 -5.20 -2.64
CA ILE E 244 8.10 -5.41 -1.21
C ILE E 244 7.44 -4.20 -0.56
N THR E 245 6.56 -4.43 0.40
CA THR E 245 5.77 -3.38 1.03
C THR E 245 6.19 -3.17 2.47
N CYS E 246 6.49 -1.92 2.82
CA CYS E 246 6.72 -1.51 4.20
C CYS E 246 5.53 -0.66 4.62
N LEU E 247 4.84 -1.09 5.67
CA LEU E 247 3.52 -0.56 6.01
C LEU E 247 3.55 0.02 7.42
N VAL E 248 3.30 1.32 7.52
CA VAL E 248 3.40 2.08 8.77
C VAL E 248 2.00 2.50 9.18
N THR E 249 1.62 2.20 10.43
CA THR E 249 0.29 2.52 10.92
C THR E 249 0.34 3.01 12.36
N GLY E 250 -0.61 3.88 12.71
CA GLY E 250 -0.73 4.33 14.11
C GLY E 250 0.35 5.34 14.50
N PHE E 251 0.22 6.58 14.03
CA PHE E 251 1.25 7.60 14.34
C PHE E 251 0.67 9.01 14.26
N SER E 252 0.91 9.83 15.28
CA SER E 252 0.49 11.22 15.22
C SER E 252 1.64 12.06 15.75
N PRO E 253 1.96 13.20 15.13
CA PRO E 253 1.33 13.78 13.94
C PRO E 253 1.74 13.12 12.62
N ALA E 254 1.55 13.84 11.52
CA ALA E 254 1.73 13.29 10.18
C ALA E 254 3.10 13.59 9.59
N ASP E 255 4.15 13.61 10.42
CA ASP E 255 5.51 13.87 9.98
C ASP E 255 6.31 12.58 10.13
N VAL E 256 6.45 11.83 9.04
CA VAL E 256 7.16 10.56 9.05
C VAL E 256 8.13 10.52 7.88
N PHE E 257 9.23 9.80 8.06
CA PHE E 257 10.26 9.65 7.05
C PHE E 257 10.62 8.18 6.90
N VAL E 258 10.57 7.68 5.66
CA VAL E 258 10.84 6.28 5.36
C VAL E 258 11.90 6.19 4.28
N GLN E 259 12.85 5.27 4.47
CA GLN E 259 13.84 4.99 3.44
C GLN E 259 14.27 3.53 3.57
N TRP E 260 14.81 3.00 2.47
CA TRP E 260 15.15 1.59 2.35
C TRP E 260 16.66 1.41 2.36
N MET E 261 17.14 0.42 3.09
CA MET E 261 18.55 0.09 3.18
C MET E 261 18.79 -1.34 2.74
N GLN E 262 19.80 -1.53 1.89
CA GLN E 262 20.21 -2.86 1.45
C GLN E 262 21.68 -3.07 1.84
N ARG E 263 21.95 -4.12 2.61
CA ARG E 263 23.30 -4.49 3.02
C ARG E 263 24.01 -3.33 3.72
N GLY E 264 23.27 -2.62 4.57
CA GLY E 264 23.84 -1.52 5.31
C GLY E 264 24.12 -0.25 4.53
N GLN E 265 23.80 -0.23 3.23
CA GLN E 265 24.01 0.92 2.38
C GLN E 265 22.69 1.39 1.81
N PRO E 266 22.31 2.66 1.99
CA PRO E 266 21.01 3.12 1.51
C PRO E 266 20.91 3.06 0.00
N LEU E 267 19.71 2.75 -0.48
CA LEU E 267 19.43 2.70 -1.91
C LEU E 267 19.07 4.09 -2.43
N SER E 268 19.12 4.22 -3.76
CA SER E 268 18.77 5.49 -4.37
C SER E 268 17.26 5.72 -4.26
N PRO E 269 16.83 6.95 -3.96
CA PRO E 269 15.40 7.21 -3.77
C PRO E 269 14.59 7.13 -5.05
N GLU E 270 15.19 6.77 -6.19
CA GLU E 270 14.49 6.66 -7.45
C GLU E 270 14.07 5.24 -7.77
N LYS E 271 13.97 4.36 -6.75
CA LYS E 271 13.49 3.02 -6.96
C LYS E 271 12.51 2.58 -5.88
N TYR E 272 11.96 3.50 -5.11
CA TYR E 272 10.85 3.20 -4.20
C TYR E 272 9.96 4.41 -4.11
N VAL E 273 8.71 4.17 -3.71
CA VAL E 273 7.67 5.19 -3.67
C VAL E 273 7.03 5.21 -2.30
N THR E 274 6.84 6.40 -1.74
CA THR E 274 6.21 6.58 -0.45
C THR E 274 4.98 7.48 -0.60
N SER E 275 3.93 7.18 0.17
CA SER E 275 2.69 7.91 0.10
C SER E 275 2.63 8.99 1.17
N ALA E 276 1.54 9.74 1.18
CA ALA E 276 1.29 10.76 2.17
C ALA E 276 0.42 10.21 3.29
N PRO E 277 0.59 10.68 4.56
CA PRO E 277 -0.16 10.11 5.69
C PRO E 277 -1.68 10.24 5.48
N MET E 278 -2.36 9.11 5.32
CA MET E 278 -3.84 9.12 5.15
C MET E 278 -4.48 8.79 6.49
N PRO E 279 -5.50 9.55 6.98
CA PRO E 279 -6.06 9.30 8.31
C PRO E 279 -6.61 7.88 8.48
N GLU E 280 -6.42 7.29 9.66
CA GLU E 280 -6.97 5.93 9.93
C GLU E 280 -8.47 6.03 10.19
N PRO E 281 -9.31 5.20 9.55
CA PRO E 281 -10.75 5.20 9.81
C PRO E 281 -11.06 4.80 11.25
N GLN E 282 -10.48 3.70 11.73
CA GLN E 282 -10.77 3.19 13.10
C GLN E 282 -10.39 4.24 14.14
N ALA E 283 -9.08 4.52 14.29
CA ALA E 283 -8.62 5.46 15.34
C ALA E 283 -8.52 6.87 14.76
N PRO E 284 -9.36 7.83 15.20
CA PRO E 284 -9.28 9.21 14.74
C PRO E 284 -8.01 9.89 15.29
N GLY E 285 -7.33 10.69 14.46
CA GLY E 285 -6.07 11.32 14.88
C GLY E 285 -4.87 10.53 14.42
N ARG E 286 -4.97 9.20 14.44
CA ARG E 286 -3.85 8.34 13.96
C ARG E 286 -3.82 8.37 12.42
N TYR E 287 -2.64 8.17 11.84
CA TYR E 287 -2.50 8.18 10.36
C TYR E 287 -1.81 6.89 9.91
N PHE E 288 -1.69 6.70 8.59
CA PHE E 288 -0.97 5.50 8.06
C PHE E 288 -0.27 5.88 6.75
N ALA E 289 0.78 5.14 6.39
CA ALA E 289 1.53 5.43 5.14
C ALA E 289 2.03 4.11 4.55
N HIS E 290 2.43 4.11 3.27
CA HIS E 290 2.86 2.87 2.61
C HIS E 290 4.09 3.15 1.74
N SER E 291 5.08 2.26 1.78
CA SER E 291 6.27 2.41 0.91
C SER E 291 6.50 1.10 0.14
N ILE E 292 6.73 1.18 -1.17
CA ILE E 292 6.91 -0.04 -2.00
C ILE E 292 8.30 -0.02 -2.63
N LEU E 293 9.05 -1.11 -2.51
CA LEU E 293 10.39 -1.20 -3.16
C LEU E 293 10.33 -2.26 -4.27
N THR E 294 10.64 -1.86 -5.50
CA THR E 294 10.60 -2.80 -6.65
C THR E 294 12.01 -3.41 -6.84
N VAL E 295 12.14 -4.70 -6.60
CA VAL E 295 13.45 -5.40 -6.78
C VAL E 295 13.30 -6.44 -7.91
N SER E 296 14.32 -7.27 -8.12
CA SER E 296 14.22 -8.35 -9.14
C SER E 296 13.89 -9.69 -8.47
N GLU E 297 13.15 -10.55 -9.16
CA GLU E 297 12.83 -11.90 -8.63
C GLU E 297 14.15 -12.62 -8.37
N GLU E 298 15.13 -12.44 -9.27
CA GLU E 298 16.47 -13.06 -9.08
C GLU E 298 17.03 -12.60 -7.73
N GLU E 299 17.30 -11.31 -7.57
CA GLU E 299 17.86 -10.81 -6.32
C GLU E 299 17.12 -11.35 -5.11
N TRP E 300 15.79 -11.37 -5.17
CA TRP E 300 15.02 -11.81 -3.95
C TRP E 300 15.28 -13.29 -3.68
N ASN E 301 15.42 -14.09 -4.75
CA ASN E 301 15.61 -15.56 -4.58
C ASN E 301 17.09 -15.86 -4.30
N THR E 302 17.94 -14.83 -4.27
CA THR E 302 19.38 -15.03 -3.92
C THR E 302 19.63 -14.34 -2.58
N GLY E 303 18.88 -14.72 -1.54
CA GLY E 303 19.02 -14.07 -0.23
C GLY E 303 18.73 -12.58 -0.30
N GLU E 304 19.73 -11.74 -0.07
CA GLU E 304 19.56 -10.25 -0.15
C GLU E 304 18.48 -9.80 0.84
N THR E 305 18.86 -9.57 2.10
CA THR E 305 17.89 -9.09 3.12
C THR E 305 17.61 -7.60 2.87
N TYR E 306 16.34 -7.19 2.96
CA TYR E 306 15.97 -5.78 2.70
C TYR E 306 15.44 -5.16 3.99
N THR E 307 15.82 -3.90 4.27
CA THR E 307 15.44 -3.25 5.55
C THR E 307 14.70 -1.94 5.29
N CYS E 308 13.54 -1.72 5.93
CA CYS E 308 12.87 -0.41 5.81
C CYS E 308 13.00 0.32 7.15
N VAL E 309 13.47 1.56 7.14
CA VAL E 309 13.74 2.31 8.36
C VAL E 309 12.81 3.52 8.42
N VAL E 310 12.19 3.72 9.58
CA VAL E 310 11.16 4.74 9.77
C VAL E 310 11.61 5.68 10.87
N ALA E 311 11.52 6.98 10.61
CA ALA E 311 11.93 8.01 11.61
C ALA E 311 10.72 8.84 12.01
N HIS E 312 10.40 8.87 13.32
CA HIS E 312 9.26 9.68 13.82
C HIS E 312 9.66 10.29 15.18
N GLU E 313 9.06 11.42 15.53
CA GLU E 313 9.44 12.11 16.80
C GLU E 313 9.08 11.25 18.02
N ALA E 314 7.96 10.52 17.95
CA ALA E 314 7.51 9.74 19.13
C ALA E 314 8.40 8.51 19.33
N LEU E 315 9.21 8.15 18.33
CA LEU E 315 10.14 7.00 18.46
C LEU E 315 11.24 7.36 19.47
N PRO E 316 11.79 6.39 20.24
CA PRO E 316 12.78 6.69 21.28
C PRO E 316 14.06 7.34 20.74
N ASN E 317 14.65 6.75 19.70
CA ASN E 317 15.88 7.33 19.07
C ASN E 317 15.49 7.91 17.71
N ARG E 318 14.18 8.01 17.43
CA ARG E 318 13.69 8.55 16.13
C ARG E 318 14.17 7.63 14.99
N VAL E 319 14.39 6.35 15.27
CA VAL E 319 14.83 5.37 14.24
C VAL E 319 14.20 4.02 14.55
N THR E 320 13.80 3.26 13.51
CA THR E 320 13.21 1.91 13.70
C THR E 320 13.51 1.06 12.45
N GLU E 321 14.12 -0.12 12.62
CA GLU E 321 14.50 -0.93 11.48
C GLU E 321 13.85 -2.31 11.55
N ARG E 322 13.43 -2.82 10.40
CA ARG E 322 12.93 -4.19 10.25
C ARG E 322 13.44 -4.75 8.93
N THR E 323 13.66 -6.07 8.90
CA THR E 323 14.17 -6.75 7.73
C THR E 323 13.30 -7.95 7.40
N VAL E 324 13.25 -8.29 6.11
CA VAL E 324 12.64 -9.53 5.65
C VAL E 324 13.51 -10.14 4.55
N ASP E 325 13.66 -11.46 4.57
CA ASP E 325 14.41 -12.13 3.47
C ASP E 325 13.51 -13.21 2.86
N LYS E 326 14.03 -14.00 1.92
CA LYS E 326 13.23 -15.06 1.26
C LYS E 326 12.77 -16.08 2.32
N SER E 327 13.64 -16.39 3.29
CA SER E 327 13.32 -17.39 4.33
C SER E 327 13.06 -16.69 5.67
N THR E 328 11.81 -16.31 5.94
CA THR E 328 11.47 -15.61 7.16
C THR E 328 10.35 -16.27 7.96
N GLY E 329 9.37 -16.85 7.31
CA GLY E 329 8.27 -17.53 7.98
C GLY E 329 8.45 -19.02 8.18
N LYS E 330 9.65 -19.53 7.92
CA LYS E 330 9.92 -20.99 8.02
C LYS E 330 9.96 -21.42 9.50
N PRO E 331 9.59 -22.68 9.83
CA PRO E 331 9.68 -23.16 11.22
C PRO E 331 11.14 -23.22 11.70
N THR E 332 12.09 -23.45 10.80
CA THR E 332 13.54 -23.52 11.14
C THR E 332 13.81 -24.65 12.13
N LEU E 333 12.82 -25.51 12.40
CA LEU E 333 13.07 -26.67 13.30
C LEU E 333 13.03 -27.96 12.45
N TYR E 334 12.15 -28.02 11.46
CA TYR E 334 12.09 -29.21 10.56
C TYR E 334 12.23 -28.74 9.10
N ASN E 335 12.26 -29.67 8.15
CA ASN E 335 12.44 -29.32 6.75
C ASN E 335 11.86 -30.46 5.92
N VAL E 336 10.65 -30.25 5.42
CA VAL E 336 9.93 -31.27 4.65
C VAL E 336 10.11 -30.99 3.17
N SER E 337 10.45 -32.03 2.40
CA SER E 337 10.71 -31.89 0.97
C SER E 337 10.00 -33.02 0.25
N LEU E 338 9.00 -32.66 -0.55
CA LEU E 338 8.28 -33.64 -1.37
C LEU E 338 9.02 -33.82 -2.70
N VAL E 339 9.55 -35.01 -2.93
CA VAL E 339 10.31 -35.32 -4.13
C VAL E 339 9.67 -36.51 -4.84
N MET E 340 9.52 -36.39 -6.16
CA MET E 340 8.94 -37.45 -6.96
C MET E 340 9.91 -37.95 -8.03
N ILE F 117 47.73 26.30 40.27
CA ILE F 117 46.64 26.67 39.38
C ILE F 117 46.36 25.57 38.36
N ARG F 118 45.19 24.95 38.46
CA ARG F 118 44.78 23.89 37.54
C ARG F 118 43.29 24.04 37.27
N VAL F 119 42.95 24.37 36.04
CA VAL F 119 41.57 24.51 35.60
C VAL F 119 41.31 23.51 34.47
N PHE F 120 40.28 22.69 34.62
CA PHE F 120 39.98 21.62 33.69
C PHE F 120 38.79 21.99 32.81
N ALA F 121 38.94 21.80 31.51
CA ALA F 121 37.85 21.98 30.55
C ALA F 121 37.52 20.62 29.95
N ILE F 122 36.26 20.23 30.04
CA ILE F 122 35.80 18.92 29.57
C ILE F 122 34.97 19.14 28.31
N PRO F 123 35.49 18.81 27.13
CA PRO F 123 34.67 18.88 25.93
C PRO F 123 33.53 17.89 26.00
N PRO F 124 32.39 18.20 25.38
CA PRO F 124 31.25 17.27 25.43
C PRO F 124 31.59 15.93 24.79
N SER F 125 31.07 14.87 25.38
CA SER F 125 31.25 13.52 24.88
C SER F 125 30.00 13.07 24.13
N PHE F 126 30.21 12.25 23.09
CA PHE F 126 29.09 11.78 22.29
C PHE F 126 28.12 10.94 23.12
N ALA F 127 28.64 10.16 24.08
CA ALA F 127 27.77 9.38 24.94
C ALA F 127 26.83 10.28 25.73
N SER F 128 27.38 11.34 26.34
CA SER F 128 26.55 12.27 27.10
C SER F 128 25.57 13.01 26.19
N ILE F 129 26.02 13.41 25.00
CA ILE F 129 25.15 14.12 24.07
C ILE F 129 23.97 13.25 23.68
N PHE F 130 24.22 11.99 23.35
CA PHE F 130 23.14 11.09 22.98
C PHE F 130 22.26 10.73 24.17
N LEU F 131 22.84 10.69 25.38
CA LEU F 131 22.07 10.30 26.55
C LEU F 131 21.13 11.42 27.01
N THR F 132 21.56 12.68 26.92
CA THR F 132 20.79 13.77 27.48
C THR F 132 20.12 14.68 26.45
N LYS F 133 20.54 14.64 25.18
CA LYS F 133 20.03 15.53 24.12
C LYS F 133 20.16 17.00 24.50
N SER F 134 21.03 17.32 25.44
CA SER F 134 21.17 18.67 26.00
C SER F 134 22.65 19.04 26.09
N THR F 135 23.38 18.87 24.99
CA THR F 135 24.83 19.06 24.94
C THR F 135 25.32 20.21 25.82
N LYS F 136 26.34 19.91 26.62
CA LYS F 136 26.86 20.83 27.61
C LYS F 136 28.36 20.67 27.73
N LEU F 137 29.04 21.75 28.12
CA LEU F 137 30.47 21.73 28.36
C LEU F 137 30.77 22.39 29.70
N THR F 138 31.81 21.91 30.37
CA THR F 138 32.11 22.29 31.74
C THR F 138 33.52 22.84 31.82
N CYS F 139 33.68 23.97 32.51
CA CYS F 139 34.99 24.55 32.82
C CYS F 139 35.19 24.38 34.33
N LEU F 140 35.94 23.34 34.71
CA LEU F 140 36.14 23.01 36.11
C LEU F 140 37.40 23.70 36.63
N VAL F 141 37.24 24.46 37.71
CA VAL F 141 38.34 25.19 38.33
C VAL F 141 38.70 24.50 39.62
N THR F 142 39.96 24.06 39.73
CA THR F 142 40.45 23.41 40.93
C THR F 142 41.80 23.98 41.35
N ASP F 143 42.45 23.35 42.32
CA ASP F 143 43.77 23.77 42.80
C ASP F 143 43.74 25.19 43.37
N LEU F 144 42.61 25.57 43.95
CA LEU F 144 42.43 26.86 44.58
C LEU F 144 41.77 26.69 45.94
N THR F 145 41.85 27.72 46.75
CA THR F 145 41.23 27.72 48.07
C THR F 145 39.73 27.97 47.96
N THR F 146 39.00 27.60 49.00
CA THR F 146 37.54 27.74 49.03
C THR F 146 37.19 29.20 49.22
N TYR F 147 37.16 29.94 48.12
CA TYR F 147 36.83 31.36 48.11
C TYR F 147 35.54 31.58 47.35
N ASP F 148 34.64 32.38 47.92
CA ASP F 148 33.34 32.65 47.32
C ASP F 148 33.42 33.89 46.43
N SER F 149 32.28 34.25 45.85
CA SER F 149 32.16 35.42 44.98
C SER F 149 33.13 35.35 43.80
N VAL F 150 33.17 34.19 43.17
CA VAL F 150 34.03 33.98 42.00
C VAL F 150 33.27 34.39 40.75
N THR F 151 34.03 34.65 39.68
CA THR F 151 33.47 35.06 38.39
C THR F 151 33.98 34.09 37.33
N ILE F 152 33.05 33.36 36.70
CA ILE F 152 33.37 32.43 35.64
C ILE F 152 32.39 32.64 34.50
N SER F 153 32.90 32.63 33.27
CA SER F 153 32.06 32.85 32.10
C SER F 153 32.68 32.14 30.90
N TRP F 154 31.82 31.76 29.97
CA TRP F 154 32.22 31.13 28.72
C TRP F 154 32.03 32.11 27.57
N THR F 155 33.02 32.14 26.67
CA THR F 155 32.97 33.04 25.52
C THR F 155 33.38 32.28 24.27
N ARG F 156 32.91 32.79 23.13
CA ARG F 156 33.15 32.15 21.85
C ARG F 156 34.50 32.60 21.28
N GLN F 157 34.78 32.24 20.02
CA GLN F 157 36.02 32.64 19.39
C GLN F 157 36.09 34.15 19.21
N ASN F 158 34.98 34.78 18.85
CA ASN F 158 34.94 36.22 18.59
C ASN F 158 34.67 37.05 19.84
N GLY F 159 34.55 36.42 21.00
CA GLY F 159 34.39 37.16 22.24
C GLY F 159 32.97 37.45 22.65
N GLU F 160 31.98 36.73 22.12
CA GLU F 160 30.59 36.95 22.49
C GLU F 160 30.34 36.37 23.89
N ALA F 161 29.08 36.46 24.32
CA ALA F 161 28.66 35.98 25.63
C ALA F 161 27.72 34.80 25.48
N VAL F 162 27.52 34.08 26.58
CA VAL F 162 26.67 32.90 26.64
C VAL F 162 25.67 33.07 27.78
N LYS F 163 24.87 32.04 27.98
CA LYS F 163 23.84 32.07 29.03
C LYS F 163 24.48 32.00 30.42
N THR F 164 23.64 32.16 31.44
CA THR F 164 24.11 32.17 32.81
C THR F 164 24.62 30.79 33.22
N HIS F 165 25.63 30.78 34.08
CA HIS F 165 26.27 29.55 34.55
C HIS F 165 25.69 29.18 35.91
N THR F 166 24.51 28.59 35.90
CA THR F 166 23.84 28.19 37.12
C THR F 166 24.42 26.88 37.64
N ASN F 167 23.97 26.50 38.85
CA ASN F 167 24.37 25.25 39.50
C ASN F 167 25.88 25.18 39.69
N ILE F 168 26.40 26.12 40.48
CA ILE F 168 27.83 26.14 40.80
C ILE F 168 28.13 25.03 41.79
N SER F 169 29.20 24.27 41.51
CA SER F 169 29.56 23.15 42.37
C SER F 169 29.97 23.62 43.75
N GLU F 170 29.61 22.83 44.76
CA GLU F 170 29.94 23.17 46.14
C GLU F 170 31.42 22.96 46.42
N SER F 171 31.94 23.73 47.38
CA SER F 171 33.33 23.59 47.78
C SER F 171 33.55 22.27 48.49
N HIS F 172 34.78 21.74 48.38
CA HIS F 172 35.10 20.46 48.97
C HIS F 172 35.75 20.64 50.34
N PRO F 173 35.49 19.74 51.28
CA PRO F 173 36.04 19.88 52.64
C PRO F 173 37.52 19.59 52.74
N ASN F 174 38.18 19.15 51.67
CA ASN F 174 39.60 18.79 51.70
C ASN F 174 40.48 19.94 51.21
N ALA F 175 40.10 21.18 51.51
CA ALA F 175 40.88 22.37 51.14
C ALA F 175 41.06 22.48 49.64
N THR F 176 40.00 22.20 48.89
CA THR F 176 40.00 22.35 47.44
C THR F 176 38.73 23.08 47.02
N PHE F 177 38.83 23.81 45.92
CA PHE F 177 37.73 24.60 45.39
C PHE F 177 37.23 23.99 44.08
N SER F 178 35.91 24.00 43.90
CA SER F 178 35.28 23.44 42.72
C SER F 178 34.30 24.44 42.15
N ALA F 179 34.40 24.69 40.83
CA ALA F 179 33.47 25.57 40.14
C ALA F 179 33.29 25.04 38.73
N VAL F 180 32.06 25.19 38.21
CA VAL F 180 31.71 24.68 36.89
C VAL F 180 31.03 25.79 36.10
N GLY F 181 31.37 25.89 34.81
CA GLY F 181 30.74 26.85 33.93
C GLY F 181 30.08 26.16 32.75
N GLU F 182 28.77 26.34 32.61
CA GLU F 182 27.98 25.64 31.61
C GLU F 182 27.48 26.63 30.56
N ALA F 183 27.70 26.31 29.29
CA ALA F 183 27.30 27.15 28.17
C ALA F 183 26.38 26.35 27.26
N SER F 184 25.10 26.72 27.23
CA SER F 184 24.11 26.02 26.41
C SER F 184 24.32 26.42 24.95
N ILE F 185 24.67 25.44 24.12
CA ILE F 185 24.86 25.66 22.70
C ILE F 185 24.18 24.52 21.94
N CYS F 186 24.26 24.59 20.61
CA CYS F 186 23.70 23.58 19.74
C CYS F 186 24.80 22.92 18.93
N GLU F 187 24.58 21.64 18.58
CA GLU F 187 25.66 20.75 18.20
C GLU F 187 26.39 21.21 16.94
N ASP F 188 25.69 21.84 16.00
CA ASP F 188 26.34 22.21 14.74
C ASP F 188 27.43 23.25 14.96
N ASP F 189 27.22 24.17 15.90
CA ASP F 189 28.24 25.16 16.21
C ASP F 189 29.50 24.49 16.77
N TRP F 190 29.31 23.53 17.69
CA TRP F 190 30.45 22.85 18.28
C TRP F 190 31.19 21.99 17.26
N ASN F 191 30.45 21.31 16.39
CA ASN F 191 31.06 20.38 15.44
C ASN F 191 31.44 21.02 14.12
N SER F 192 31.21 22.32 13.95
CA SER F 192 31.57 23.02 12.72
C SER F 192 33.01 23.50 12.71
N GLY F 193 33.76 23.27 13.78
CA GLY F 193 35.13 23.74 13.89
C GLY F 193 35.31 24.98 14.72
N GLU F 194 34.22 25.59 15.21
CA GLU F 194 34.34 26.78 16.04
C GLU F 194 34.96 26.42 17.39
N ARG F 195 35.81 27.32 17.88
CA ARG F 195 36.56 27.08 19.10
C ARG F 195 36.01 27.92 20.25
N PHE F 196 35.97 27.33 21.43
CA PHE F 196 35.46 27.99 22.62
C PHE F 196 36.59 28.45 23.53
N THR F 197 36.29 29.42 24.38
CA THR F 197 37.25 29.97 25.32
C THR F 197 36.58 30.17 26.67
N CYS F 198 37.26 29.72 27.73
CA CYS F 198 36.76 29.85 29.10
C CYS F 198 37.47 31.00 29.80
N THR F 199 36.72 31.80 30.53
CA THR F 199 37.25 32.94 31.27
C THR F 199 37.13 32.68 32.76
N VAL F 200 38.25 32.75 33.47
CA VAL F 200 38.32 32.52 34.90
C VAL F 200 39.05 33.67 35.56
N THR F 201 38.43 34.28 36.57
CA THR F 201 39.03 35.36 37.34
C THR F 201 38.92 35.05 38.82
N HIS F 202 39.99 35.32 39.57
CA HIS F 202 40.01 35.05 40.99
C HIS F 202 40.94 36.03 41.68
N THR F 203 40.74 36.19 42.99
CA THR F 203 41.61 37.07 43.77
C THR F 203 43.02 36.51 43.84
N ASP F 204 43.16 35.20 44.02
CA ASP F 204 44.49 34.59 44.09
C ASP F 204 45.23 34.72 42.76
N LEU F 205 44.50 34.59 41.64
CA LEU F 205 45.07 34.67 40.30
C LEU F 205 44.31 35.74 39.52
N PRO F 206 44.62 37.01 39.76
CA PRO F 206 43.92 38.09 39.03
C PRO F 206 44.14 38.05 37.53
N SER F 207 45.21 37.43 37.05
CA SER F 207 45.44 37.33 35.62
C SER F 207 44.37 36.47 34.97
N PRO F 208 43.77 36.91 33.86
CA PRO F 208 42.73 36.10 33.21
C PRO F 208 43.30 34.77 32.70
N LEU F 209 42.47 33.75 32.74
CA LEU F 209 42.83 32.41 32.29
C LEU F 209 41.98 32.06 31.07
N LYS F 210 42.62 31.47 30.06
CA LYS F 210 41.96 31.10 28.82
C LYS F 210 42.28 29.65 28.50
N GLN F 211 41.25 28.92 28.04
CA GLN F 211 41.39 27.53 27.64
C GLN F 211 40.62 27.30 26.36
N THR F 212 41.20 26.50 25.46
CA THR F 212 40.62 26.22 24.15
C THR F 212 40.34 24.73 24.03
N ILE F 213 39.12 24.37 23.68
CA ILE F 213 38.71 22.98 23.47
C ILE F 213 37.82 22.91 22.24
N SER F 214 38.02 21.89 21.42
CA SER F 214 37.24 21.69 20.21
C SER F 214 37.38 20.24 19.77
N ARG F 215 36.79 19.94 18.62
CA ARG F 215 36.89 18.59 18.07
C ARG F 215 38.31 18.34 17.56
N PRO F 216 38.88 17.16 17.84
CA PRO F 216 40.21 16.81 17.30
C PRO F 216 40.15 16.35 15.84
N LYS F 217 40.14 17.33 14.93
CA LYS F 217 40.05 17.03 13.51
C LYS F 217 41.30 16.31 13.03
N GLY F 218 41.12 15.43 12.04
CA GLY F 218 42.22 14.71 11.46
C GLY F 218 42.28 13.24 11.84
N VAL F 219 41.11 12.62 11.94
CA VAL F 219 41.01 11.20 12.31
C VAL F 219 40.03 10.52 11.36
N ALA F 220 40.38 9.30 10.94
CA ALA F 220 39.50 8.53 10.08
C ALA F 220 38.31 8.00 10.87
N LEU F 221 37.23 7.73 10.15
CA LEU F 221 35.97 7.27 10.74
C LEU F 221 35.62 5.91 10.17
N HIS F 222 35.28 4.97 11.06
CA HIS F 222 34.84 3.64 10.65
C HIS F 222 33.66 3.22 11.50
N ARG F 223 32.83 2.35 10.93
CA ARG F 223 31.59 1.91 11.56
C ARG F 223 31.82 0.61 12.34
N PRO F 224 31.24 0.51 13.54
CA PRO F 224 31.41 -0.71 14.33
C PRO F 224 30.61 -1.87 13.77
N ASP F 225 30.99 -3.07 14.22
CA ASP F 225 30.26 -4.31 13.93
C ASP F 225 29.78 -4.89 15.24
N VAL F 226 28.49 -5.22 15.31
CA VAL F 226 27.85 -5.64 16.55
C VAL F 226 27.50 -7.11 16.45
N TYR F 227 27.94 -7.89 17.45
CA TYR F 227 27.62 -9.30 17.55
C TYR F 227 27.06 -9.57 18.93
N LEU F 228 25.86 -10.16 18.98
CA LEU F 228 25.15 -10.44 20.22
C LEU F 228 25.17 -11.93 20.48
N LEU F 229 25.59 -12.33 21.67
CA LEU F 229 25.82 -13.74 21.97
C LEU F 229 24.88 -14.23 23.08
N PRO F 230 24.36 -15.44 22.95
CA PRO F 230 23.45 -15.97 23.97
C PRO F 230 24.22 -16.52 25.17
N PRO F 231 23.56 -16.74 26.34
CA PRO F 231 24.23 -17.28 27.53
C PRO F 231 24.78 -18.69 27.32
N ALA F 232 25.79 -19.08 28.11
CA ALA F 232 26.40 -20.42 27.99
C ALA F 232 25.41 -21.48 28.49
N ARG F 233 25.41 -22.66 27.87
CA ARG F 233 24.49 -23.75 28.28
C ARG F 233 24.78 -24.14 29.73
N GLU F 234 26.05 -24.22 30.11
CA GLU F 234 26.44 -24.59 31.48
C GLU F 234 25.87 -23.57 32.47
N GLN F 235 25.91 -22.29 32.12
CA GLN F 235 25.34 -21.22 32.99
C GLN F 235 23.83 -21.45 33.12
N LEU F 236 23.18 -21.82 32.01
CA LEU F 236 21.71 -22.08 32.03
C LEU F 236 21.42 -23.30 32.90
N ASN F 237 22.28 -24.33 32.86
CA ASN F 237 21.99 -25.57 33.64
C ASN F 237 21.87 -25.22 35.12
N LEU F 238 22.65 -24.27 35.62
CA LEU F 238 22.55 -23.87 37.05
C LEU F 238 21.11 -23.45 37.35
N ARG F 239 20.31 -23.19 36.31
CA ARG F 239 18.91 -22.75 36.48
C ARG F 239 18.86 -21.60 37.50
N GLU F 240 19.79 -20.66 37.40
CA GLU F 240 19.80 -19.49 38.33
C GLU F 240 19.75 -18.19 37.52
N SER F 241 20.90 -17.72 37.02
CA SER F 241 20.93 -16.43 36.26
C SER F 241 21.53 -16.63 34.88
N ALA F 242 21.32 -15.67 33.97
CA ALA F 242 21.89 -15.76 32.60
C ALA F 242 22.45 -14.39 32.21
N THR F 243 23.51 -14.38 31.39
CA THR F 243 24.15 -13.10 30.99
C THR F 243 24.24 -13.00 29.46
N ILE F 244 23.61 -11.97 28.87
CA ILE F 244 23.71 -11.76 27.40
C ILE F 244 24.92 -10.84 27.14
N THR F 245 25.72 -11.14 26.13
CA THR F 245 26.96 -10.36 25.89
C THR F 245 26.89 -9.64 24.55
N CYS F 246 27.22 -8.35 24.52
CA CYS F 246 27.22 -7.55 23.30
C CYS F 246 28.67 -7.17 23.00
N LEU F 247 29.14 -7.51 21.81
CA LEU F 247 30.52 -7.28 21.43
C LEU F 247 30.55 -6.29 20.27
N VAL F 248 31.02 -5.07 20.56
CA VAL F 248 31.15 -4.02 19.56
C VAL F 248 32.63 -3.89 19.21
N THR F 249 32.96 -4.11 17.94
CA THR F 249 34.36 -4.17 17.53
C THR F 249 34.58 -3.37 16.25
N GLY F 250 35.80 -2.88 16.10
CA GLY F 250 36.23 -2.27 14.85
C GLY F 250 35.85 -0.83 14.63
N PHE F 251 35.43 -0.11 15.67
CA PHE F 251 34.99 1.27 15.52
C PHE F 251 36.13 2.23 15.86
N SER F 252 36.22 3.31 15.08
CA SER F 252 37.14 4.40 15.34
C SER F 252 36.42 5.69 15.03
N PRO F 253 36.52 6.71 15.89
CA PRO F 253 37.29 6.75 17.14
C PRO F 253 36.57 6.11 18.32
N ALA F 254 37.03 6.42 19.54
CA ALA F 254 36.47 5.76 20.73
C ALA F 254 35.39 6.62 21.39
N ASP F 255 34.17 6.61 20.82
CA ASP F 255 33.05 7.37 21.44
C ASP F 255 31.76 6.61 21.16
N VAL F 256 31.60 5.42 21.74
CA VAL F 256 30.40 4.58 21.46
C VAL F 256 29.46 4.62 22.67
N PHE F 257 28.15 4.73 22.43
CA PHE F 257 27.15 4.71 23.53
C PHE F 257 26.30 3.45 23.40
N VAL F 258 26.37 2.54 24.36
CA VAL F 258 25.61 1.26 24.30
C VAL F 258 24.44 1.32 25.28
N GLN F 259 23.26 0.86 24.85
CA GLN F 259 22.08 0.83 25.76
C GLN F 259 21.29 -0.47 25.52
N TRP F 260 20.55 -0.93 26.53
CA TRP F 260 19.73 -2.17 26.38
C TRP F 260 18.24 -1.81 26.51
N MET F 261 17.42 -2.26 25.55
CA MET F 261 15.95 -2.01 25.61
C MET F 261 15.22 -3.35 25.52
N GLN F 262 14.42 -3.69 26.53
CA GLN F 262 13.73 -5.01 26.55
C GLN F 262 12.55 -4.98 25.58
N ARG F 263 11.56 -4.13 25.84
CA ARG F 263 10.34 -4.06 24.98
C ARG F 263 10.12 -2.62 24.54
N GLY F 264 11.18 -1.92 24.13
CA GLY F 264 11.06 -0.50 23.73
C GLY F 264 11.29 0.41 24.93
N GLN F 265 11.37 -0.17 26.13
CA GLN F 265 11.62 0.64 27.36
C GLN F 265 13.01 0.28 27.91
N PRO F 266 13.96 1.24 27.99
CA PRO F 266 15.32 0.94 28.43
C PRO F 266 15.36 0.36 29.84
N LEU F 267 16.18 -0.69 30.06
CA LEU F 267 16.30 -1.31 31.39
C LEU F 267 17.10 -0.36 32.30
N SER F 268 16.97 -0.54 33.63
CA SER F 268 17.68 0.36 34.58
C SER F 268 19.18 0.38 34.23
N PRO F 269 19.83 1.57 34.18
CA PRO F 269 21.24 1.65 33.79
C PRO F 269 22.16 0.88 34.76
N GLU F 270 21.65 0.50 35.92
CA GLU F 270 22.47 -0.20 36.94
C GLU F 270 22.40 -1.72 36.72
N LYS F 271 21.70 -2.16 35.67
CA LYS F 271 21.53 -3.62 35.42
C LYS F 271 22.67 -4.15 34.55
N TYR F 272 23.28 -3.30 33.71
CA TYR F 272 24.31 -3.77 32.81
C TYR F 272 25.61 -3.00 33.05
N VAL F 273 26.70 -3.55 32.54
CA VAL F 273 28.04 -2.97 32.68
C VAL F 273 28.67 -2.89 31.30
N THR F 274 29.24 -1.74 30.98
CA THR F 274 29.90 -1.51 29.70
C THR F 274 31.37 -1.21 29.92
N SER F 275 32.19 -1.67 28.98
CA SER F 275 33.64 -1.55 29.07
C SER F 275 34.15 -0.36 28.26
N ALA F 276 35.24 0.23 28.73
CA ALA F 276 35.89 1.31 28.00
C ALA F 276 36.52 0.77 26.72
N PRO F 277 36.57 1.58 25.66
CA PRO F 277 37.09 1.08 24.38
C PRO F 277 38.58 0.82 24.41
N MET F 278 38.96 -0.45 24.44
CA MET F 278 40.39 -0.78 24.41
C MET F 278 40.84 -0.98 22.97
N PRO F 279 42.06 -0.55 22.58
CA PRO F 279 42.50 -0.65 21.18
C PRO F 279 42.44 -2.10 20.67
N GLU F 280 41.97 -2.28 19.43
CA GLU F 280 41.91 -3.63 18.83
C GLU F 280 43.34 -4.17 18.74
N PRO F 281 43.61 -5.44 19.16
CA PRO F 281 44.97 -5.97 19.19
C PRO F 281 45.67 -6.03 17.81
N GLN F 282 44.93 -6.40 16.77
CA GLN F 282 45.56 -6.58 15.42
C GLN F 282 45.31 -5.34 14.55
N ALA F 283 44.23 -4.59 14.81
CA ALA F 283 43.89 -3.44 13.95
C ALA F 283 44.28 -2.13 14.64
N PRO F 284 45.32 -1.42 14.14
CA PRO F 284 45.77 -0.16 14.76
C PRO F 284 44.78 0.98 14.48
N GLY F 285 44.43 1.75 15.50
CA GLY F 285 43.52 2.90 15.32
C GLY F 285 42.07 2.52 15.59
N ARG F 286 41.71 1.26 15.38
CA ARG F 286 40.32 0.78 15.62
C ARG F 286 40.20 0.29 17.06
N TYR F 287 38.99 0.24 17.61
CA TYR F 287 38.81 -0.18 19.02
C TYR F 287 37.68 -1.20 19.16
N PHE F 288 37.49 -1.73 20.36
CA PHE F 288 36.42 -2.67 20.64
C PHE F 288 35.93 -2.45 22.07
N ALA F 289 34.70 -2.90 22.34
CA ALA F 289 34.10 -2.73 23.64
C ALA F 289 33.13 -3.87 23.91
N HIS F 290 32.77 -4.02 25.18
CA HIS F 290 31.90 -5.10 25.63
C HIS F 290 30.73 -4.52 26.41
N SER F 291 29.72 -5.36 26.66
CA SER F 291 28.54 -4.92 27.46
C SER F 291 27.81 -6.17 27.94
N ILE F 292 27.58 -6.30 29.26
CA ILE F 292 26.97 -7.56 29.79
C ILE F 292 25.68 -7.24 30.56
N LEU F 293 24.56 -7.80 30.12
CA LEU F 293 23.28 -7.60 30.85
C LEU F 293 22.92 -8.91 31.55
N THR F 294 22.84 -8.88 32.89
CA THR F 294 22.50 -10.11 33.65
C THR F 294 20.98 -10.17 33.87
N VAL F 295 20.32 -11.19 33.31
CA VAL F 295 18.85 -11.33 33.46
C VAL F 295 18.55 -12.62 34.20
N SER F 296 17.34 -12.76 34.75
CA SER F 296 16.94 -14.03 35.42
C SER F 296 16.68 -15.09 34.35
N GLU F 297 17.10 -16.34 34.61
CA GLU F 297 16.93 -17.41 33.60
C GLU F 297 15.45 -17.61 33.28
N GLU F 298 14.59 -17.57 34.29
CA GLU F 298 13.14 -17.79 34.08
C GLU F 298 12.65 -16.85 32.97
N GLU F 299 12.99 -15.57 33.06
CA GLU F 299 12.56 -14.58 32.03
C GLU F 299 13.09 -14.99 30.66
N TRP F 300 14.37 -15.36 30.59
CA TRP F 300 14.98 -15.70 29.27
C TRP F 300 14.26 -16.92 28.68
N ASN F 301 13.82 -17.85 29.52
CA ASN F 301 13.23 -19.12 28.99
C ASN F 301 11.78 -18.89 28.53
N THR F 302 11.19 -17.74 28.86
CA THR F 302 9.77 -17.48 28.50
C THR F 302 9.70 -16.74 27.16
N GLY F 303 10.83 -16.60 26.46
CA GLY F 303 10.82 -15.97 25.13
C GLY F 303 11.05 -14.47 25.19
N GLU F 304 11.34 -13.93 26.39
CA GLU F 304 11.64 -12.48 26.53
C GLU F 304 12.71 -12.11 25.49
N THR F 305 12.48 -11.01 24.76
CA THR F 305 13.45 -10.61 23.70
C THR F 305 14.30 -9.43 24.20
N TYR F 306 15.61 -9.47 23.95
CA TYR F 306 16.51 -8.41 24.37
C TYR F 306 17.28 -7.91 23.16
N THR F 307 17.55 -6.60 23.12
CA THR F 307 18.29 -6.02 22.02
C THR F 307 19.35 -5.06 22.55
N CYS F 308 20.38 -4.86 21.73
CA CYS F 308 21.56 -4.09 22.09
C CYS F 308 21.70 -2.96 21.10
N VAL F 309 21.16 -1.79 21.44
CA VAL F 309 21.23 -0.61 20.60
C VAL F 309 22.52 0.15 20.90
N VAL F 310 23.29 0.45 19.86
CA VAL F 310 24.60 1.07 20.00
C VAL F 310 24.61 2.33 19.12
N ALA F 311 25.12 3.42 19.66
CA ALA F 311 25.14 4.72 18.99
C ALA F 311 26.58 5.14 18.74
N HIS F 312 26.91 5.41 17.47
CA HIS F 312 28.23 5.88 17.09
C HIS F 312 28.07 6.96 16.04
N GLU F 313 29.01 7.89 16.00
CA GLU F 313 28.91 9.06 15.07
C GLU F 313 29.47 8.69 13.69
N ALA F 314 29.46 7.41 13.34
CA ALA F 314 29.92 6.98 11.99
C ALA F 314 28.84 6.10 11.36
N LEU F 315 27.85 5.69 12.15
CA LEU F 315 26.72 4.87 11.61
C LEU F 315 25.87 5.75 10.69
N PRO F 316 25.18 5.19 9.67
CA PRO F 316 24.41 5.99 8.72
C PRO F 316 23.38 6.89 9.43
N ASN F 317 22.56 6.31 10.31
CA ASN F 317 21.58 7.10 11.09
C ASN F 317 22.14 7.28 12.50
N ARG F 318 23.42 6.97 12.70
CA ARG F 318 24.08 7.08 14.03
C ARG F 318 23.35 6.17 15.03
N VAL F 319 22.57 5.20 14.55
CA VAL F 319 21.90 4.23 15.48
C VAL F 319 21.93 2.84 14.82
N THR F 320 22.00 1.78 15.62
CA THR F 320 22.02 0.38 15.08
C THR F 320 21.45 -0.56 16.15
N GLU F 321 20.62 -1.53 15.77
CA GLU F 321 19.97 -2.39 16.81
C GLU F 321 20.13 -3.87 16.46
N ARG F 322 20.63 -4.68 17.40
CA ARG F 322 20.74 -6.15 17.18
C ARG F 322 20.00 -6.84 18.32
N THR F 323 19.18 -7.85 18.02
CA THR F 323 18.35 -8.49 19.08
C THR F 323 18.70 -9.98 19.24
N VAL F 324 18.21 -10.60 20.31
CA VAL F 324 18.50 -12.06 20.56
C VAL F 324 17.37 -12.65 21.41
N ASP F 325 16.96 -13.89 21.10
CA ASP F 325 15.91 -14.59 21.90
C ASP F 325 16.36 -16.05 22.07
N LYS F 326 15.65 -16.83 22.88
CA LYS F 326 16.04 -18.24 23.16
C LYS F 326 16.07 -19.07 21.87
N SER F 327 15.32 -18.67 20.85
CA SER F 327 15.22 -19.48 19.60
C SER F 327 16.23 -19.00 18.55
N THR F 328 17.05 -18.00 18.88
CA THR F 328 17.96 -17.42 17.86
C THR F 328 19.22 -18.28 17.72
N GLY F 329 19.41 -18.90 16.56
CA GLY F 329 20.65 -19.66 16.33
C GLY F 329 20.44 -21.17 16.44
N LYS F 330 19.38 -21.59 17.13
CA LYS F 330 19.08 -23.04 17.29
C LYS F 330 19.03 -23.68 15.90
N PRO F 331 19.65 -24.88 15.65
CA PRO F 331 19.67 -25.46 14.30
C PRO F 331 18.48 -26.38 14.02
N THR F 332 18.35 -26.84 12.77
CA THR F 332 17.24 -27.76 12.40
C THR F 332 17.60 -29.18 12.83
N LEU F 333 16.62 -29.93 13.36
CA LEU F 333 16.90 -31.30 13.87
C LEU F 333 16.33 -32.33 12.89
N TYR F 334 15.08 -32.14 12.43
CA TYR F 334 14.40 -33.13 11.56
C TYR F 334 14.50 -32.76 10.08
N ASN F 335 14.86 -33.71 9.22
CA ASN F 335 14.91 -33.49 7.78
C ASN F 335 14.05 -34.56 7.14
N VAL F 336 12.74 -34.30 7.06
CA VAL F 336 11.80 -35.25 6.50
C VAL F 336 11.80 -35.12 4.98
N SER F 337 11.90 -36.25 4.29
CA SER F 337 11.92 -36.28 2.82
C SER F 337 11.03 -37.43 2.38
N LEU F 338 9.75 -37.14 2.17
CA LEU F 338 8.78 -38.15 1.75
C LEU F 338 8.76 -38.23 0.22
N VAL F 339 8.80 -39.45 -0.29
CA VAL F 339 8.96 -39.71 -1.72
C VAL F 339 7.83 -40.62 -2.19
N MET F 340 7.34 -40.37 -3.39
CA MET F 340 6.29 -41.18 -3.98
C MET F 340 6.81 -42.01 -5.14
#